data_7L8O
#
_entry.id   7L8O
#
_cell.length_a   122.039
_cell.length_b   122.039
_cell.length_c   160.787
_cell.angle_alpha   90.000
_cell.angle_beta   90.000
_cell.angle_gamma   120.000
#
_symmetry.space_group_name_H-M   'P 65'
#
loop_
_entity.id
_entity.type
_entity.pdbx_description
1 polymer Beta-lactamase
2 non-polymer 1,2-ETHANEDIOL
3 non-polymer 9H-fluorene-2,7-disulfonate
4 non-polymer 'SODIUM ION'
5 non-polymer 'CHLORIDE ION'
6 water water
#
_entity_poly.entity_id   1
_entity_poly.type   'polypeptide(L)'
_entity_poly.pdbx_seq_one_letter_code
;GHMWQENKSWNAHFTEHKSQGVVVLWNENKQQGFTNNLKRANQAFLPASTF(KCX)IPNSLIALDLGVVKDEHQVFKWDG
QTRDIATWNRDHNLITAMKYSVVPVYQEFARQIGEARMSKMLHAFDYGNEDISGNVDSFWLDGGIRISATEQISFLRKLY
HNKLHVSERSQRIVKQAMLTEANGDYIIRAKTGYSTRIEPKIGWWVGWVELDDNVWFFAMNMDMPTSDGLGLRQAITKEV
LKQEKIIP
;
_entity_poly.pdbx_strand_id   A,B,C,D
#
loop_
_chem_comp.id
_chem_comp.type
_chem_comp.name
_chem_comp.formula
CL non-polymer 'CHLORIDE ION' 'Cl -1'
EDO non-polymer 1,2-ETHANEDIOL 'C2 H6 O2'
NA non-polymer 'SODIUM ION' 'Na 1'
XV7 non-polymer 9H-fluorene-2,7-disulfonate 'C13 H10 O6 S2'
#
# COMPACT_ATOMS: atom_id res chain seq x y z
N MET A 3 27.05 12.09 22.33
CA MET A 3 25.90 11.44 22.97
C MET A 3 24.62 11.59 22.15
N TRP A 4 23.62 10.76 22.47
CA TRP A 4 22.24 10.97 22.07
C TRP A 4 21.38 10.83 23.32
N GLN A 5 20.34 11.65 23.41
CA GLN A 5 19.49 11.69 24.60
C GLN A 5 18.03 11.80 24.17
N GLU A 6 17.17 10.99 24.81
CA GLU A 6 15.75 10.96 24.49
C GLU A 6 14.98 11.83 25.47
N ASN A 7 14.17 12.74 24.94
CA ASN A 7 13.41 13.70 25.74
C ASN A 7 11.95 13.57 25.29
N LYS A 8 11.20 12.67 25.94
CA LYS A 8 9.81 12.43 25.60
C LYS A 8 8.88 13.56 26.03
N SER A 9 9.38 14.56 26.76
CA SER A 9 8.59 15.73 27.12
C SER A 9 7.91 16.36 25.90
N TRP A 10 8.55 16.29 24.73
CA TRP A 10 8.05 16.99 23.55
C TRP A 10 6.76 16.39 23.02
N ASN A 11 6.47 15.12 23.34
CA ASN A 11 5.28 14.47 22.81
C ASN A 11 4.02 15.23 23.20
N ALA A 12 4.08 16.00 24.30
CA ALA A 12 2.97 16.89 24.63
C ALA A 12 2.60 17.75 23.42
N HIS A 13 3.59 18.39 22.80
CA HIS A 13 3.33 19.25 21.65
C HIS A 13 2.66 18.49 20.50
N PHE A 14 2.99 17.20 20.33
CA PHE A 14 2.37 16.44 19.24
C PHE A 14 0.94 16.02 19.57
N THR A 15 0.67 15.56 20.80
CA THR A 15 -0.67 15.12 21.16
C THR A 15 -1.65 16.27 21.36
N GLU A 16 -1.17 17.49 21.67
CA GLU A 16 -2.10 18.60 21.82
C GLU A 16 -2.81 18.96 20.52
N HIS A 17 -2.24 18.55 19.38
CA HIS A 17 -2.87 18.74 18.07
C HIS A 17 -3.26 17.41 17.44
N LYS A 18 -3.49 16.38 18.25
CA LYS A 18 -4.00 15.09 17.78
C LYS A 18 -3.07 14.44 16.76
N SER A 19 -1.77 14.67 16.86
CA SER A 19 -0.82 14.19 15.86
C SER A 19 0.30 13.40 16.52
N GLN A 20 1.24 12.95 15.68
CA GLN A 20 2.28 12.01 16.06
C GLN A 20 3.50 12.27 15.18
N GLY A 21 4.66 12.44 15.79
CA GLY A 21 5.85 12.67 15.00
C GLY A 21 7.11 12.63 15.82
N VAL A 22 8.21 13.00 15.17
CA VAL A 22 9.52 12.99 15.82
C VAL A 22 10.23 14.30 15.50
N VAL A 23 10.86 14.86 16.52
CA VAL A 23 11.73 16.03 16.39
C VAL A 23 13.14 15.58 16.74
N VAL A 24 14.09 15.87 15.85
CA VAL A 24 15.50 15.55 16.10
C VAL A 24 16.29 16.86 16.09
N LEU A 25 17.02 17.12 17.16
CA LEU A 25 17.83 18.32 17.35
C LEU A 25 19.28 17.93 17.50
N TRP A 26 20.18 18.60 16.78
CA TRP A 26 21.62 18.40 16.94
C TRP A 26 22.26 19.73 17.32
N ASN A 27 22.97 19.73 18.45
CA ASN A 27 23.71 20.91 18.92
C ASN A 27 25.12 20.83 18.35
N GLU A 28 25.47 21.76 17.46
CA GLU A 28 26.73 21.62 16.74
C GLU A 28 27.93 21.89 17.65
N ASN A 29 27.85 22.93 18.49
CA ASN A 29 28.99 23.28 19.33
C ASN A 29 29.32 22.16 20.31
N LYS A 30 28.30 21.55 20.91
CA LYS A 30 28.50 20.53 21.94
C LYS A 30 28.46 19.11 21.39
N GLN A 31 28.23 18.92 20.10
CA GLN A 31 28.22 17.61 19.46
C GLN A 31 27.30 16.65 20.22
N GLN A 32 26.06 17.08 20.41
CA GLN A 32 25.11 16.28 21.17
C GLN A 32 23.73 16.37 20.52
N GLY A 33 23.04 15.24 20.47
CA GLY A 33 21.75 15.14 19.80
C GLY A 33 20.60 14.89 20.76
N PHE A 34 19.38 15.21 20.33
CA PHE A 34 18.19 15.10 21.17
C PHE A 34 16.99 14.75 20.30
N THR A 35 16.07 13.97 20.85
CA THR A 35 14.87 13.58 20.12
C THR A 35 13.84 13.03 21.09
N ASN A 36 12.57 13.16 20.73
CA ASN A 36 11.46 12.66 21.54
C ASN A 36 11.17 11.18 21.30
N ASN A 37 11.86 10.54 20.37
CA ASN A 37 11.58 9.18 19.96
C ASN A 37 12.74 8.65 19.12
N LEU A 38 13.62 7.87 19.74
CA LEU A 38 14.88 7.48 19.09
C LEU A 38 14.65 6.48 17.96
N LYS A 39 13.62 5.63 18.07
CA LYS A 39 13.38 4.68 17.01
C LYS A 39 12.90 5.37 15.75
N ARG A 40 11.89 6.24 15.88
CA ARG A 40 11.39 6.98 14.72
C ARG A 40 12.44 7.92 14.14
N ALA A 41 13.41 8.35 14.95
CA ALA A 41 14.46 9.21 14.45
C ALA A 41 15.29 8.50 13.38
N ASN A 42 15.41 7.18 13.48
CA ASN A 42 16.21 6.42 12.53
C ASN A 42 15.37 5.61 11.54
N GLN A 43 14.04 5.79 11.57
CA GLN A 43 13.17 5.18 10.56
C GLN A 43 13.17 6.03 9.30
N ALA A 44 13.24 5.37 8.16
CA ALA A 44 13.47 6.07 6.90
C ALA A 44 12.16 6.19 6.14
N PHE A 45 11.82 7.41 5.74
CA PHE A 45 10.64 7.70 4.95
C PHE A 45 11.05 8.30 3.62
N LEU A 46 10.07 8.42 2.73
CA LEU A 46 10.32 9.11 1.47
C LEU A 46 10.69 10.56 1.76
N PRO A 47 11.75 11.10 1.17
CA PRO A 47 12.12 12.49 1.46
C PRO A 47 11.13 13.50 0.94
N ALA A 48 10.29 13.13 -0.03
CA ALA A 48 9.39 14.07 -0.68
C ALA A 48 10.17 15.31 -1.09
N SER A 49 9.59 16.49 -0.88
CA SER A 49 10.20 17.71 -1.39
C SER A 49 11.39 18.17 -0.58
N THR A 50 11.74 17.48 0.53
CA THR A 50 13.04 17.75 1.13
C THR A 50 14.15 17.29 0.21
N PHE A 51 13.85 16.39 -0.71
CA PHE A 51 14.79 16.02 -1.74
C PHE A 51 15.18 17.21 -2.62
N KCX A 52 14.48 18.33 -2.51
CA KCX A 52 14.84 19.47 -3.34
CB KCX A 52 13.75 20.55 -3.29
CG KCX A 52 12.56 20.22 -4.21
CD KCX A 52 11.41 21.24 -4.14
CE KCX A 52 10.07 20.61 -4.62
NZ KCX A 52 10.36 19.59 -5.65
C KCX A 52 16.21 20.02 -2.94
O KCX A 52 16.86 20.72 -3.72
CX KCX A 52 10.06 18.30 -5.49
OQ1 KCX A 52 9.50 17.85 -4.46
OQ2 KCX A 52 10.35 17.52 -6.40
N ILE A 53 16.67 19.67 -1.73
CA ILE A 53 17.98 20.14 -1.30
C ILE A 53 19.06 19.42 -2.13
N PRO A 54 19.15 18.08 -2.09
CA PRO A 54 20.17 17.43 -2.92
C PRO A 54 19.96 17.66 -4.41
N ASN A 55 18.69 17.70 -4.86
CA ASN A 55 18.42 17.89 -6.28
C ASN A 55 18.89 19.25 -6.75
N SER A 56 18.73 20.28 -5.92
CA SER A 56 19.29 21.59 -6.28
C SER A 56 20.80 21.50 -6.41
N LEU A 57 21.47 20.92 -5.41
CA LEU A 57 22.93 20.84 -5.41
C LEU A 57 23.44 20.18 -6.68
N ILE A 58 22.84 19.04 -7.05
CA ILE A 58 23.27 18.31 -8.23
C ILE A 58 23.04 19.14 -9.49
N ALA A 59 21.86 19.75 -9.61
CA ALA A 59 21.53 20.54 -10.79
C ALA A 59 22.52 21.69 -10.99
N LEU A 60 22.81 22.41 -9.90
CA LEU A 60 23.77 23.51 -9.98
C LEU A 60 25.16 23.00 -10.34
N ASP A 61 25.59 21.91 -9.70
CA ASP A 61 26.95 21.44 -9.90
C ASP A 61 27.16 20.91 -11.31
N LEU A 62 26.09 20.47 -11.98
CA LEU A 62 26.21 19.89 -13.31
C LEU A 62 25.95 20.90 -14.41
N GLY A 63 25.51 22.11 -14.07
CA GLY A 63 25.15 23.10 -15.06
C GLY A 63 23.77 22.99 -15.65
N VAL A 64 22.93 22.08 -15.16
CA VAL A 64 21.52 22.11 -15.55
C VAL A 64 20.89 23.43 -15.16
N VAL A 65 21.30 23.98 -14.02
CA VAL A 65 20.91 25.31 -13.58
C VAL A 65 22.17 26.13 -13.47
N LYS A 66 22.19 27.30 -14.12
CA LYS A 66 23.44 28.08 -14.14
C LYS A 66 23.62 28.85 -12.85
N ASP A 67 22.56 29.47 -12.34
CA ASP A 67 22.57 30.13 -11.04
C ASP A 67 21.13 30.31 -10.57
N GLU A 68 20.97 31.00 -9.43
CA GLU A 68 19.67 31.11 -8.79
C GLU A 68 18.73 32.09 -9.49
N HIS A 69 19.25 32.94 -10.39
CA HIS A 69 18.40 33.85 -11.15
C HIS A 69 17.79 33.22 -12.40
N GLN A 70 18.29 32.08 -12.86
CA GLN A 70 17.81 31.51 -14.12
C GLN A 70 16.31 31.19 -14.03
N VAL A 71 15.56 31.64 -15.03
CA VAL A 71 14.11 31.53 -15.02
C VAL A 71 13.66 30.26 -15.72
N PHE A 72 12.80 29.49 -15.05
CA PHE A 72 12.12 28.34 -15.65
C PHE A 72 10.66 28.75 -15.88
N LYS A 73 10.31 28.98 -17.13
CA LYS A 73 9.01 29.56 -17.43
C LYS A 73 7.93 28.51 -17.25
N TRP A 74 6.75 28.99 -16.89
CA TRP A 74 5.57 28.15 -16.78
C TRP A 74 5.26 27.48 -18.12
N ASP A 75 4.94 26.18 -18.06
CA ASP A 75 4.65 25.41 -19.27
C ASP A 75 3.19 25.54 -19.74
N GLY A 76 2.36 26.28 -19.01
CA GLY A 76 1.00 26.53 -19.42
C GLY A 76 -0.05 25.57 -18.88
N GLN A 77 0.36 24.40 -18.37
CA GLN A 77 -0.60 23.51 -17.74
C GLN A 77 -1.01 24.10 -16.39
N THR A 78 -2.30 24.30 -16.19
CA THR A 78 -2.80 24.88 -14.95
C THR A 78 -2.93 23.77 -13.90
N ARG A 79 -2.07 23.78 -12.88
CA ARG A 79 -2.05 22.76 -11.85
C ARG A 79 -2.82 23.20 -10.62
N ASP A 80 -2.99 22.26 -9.68
CA ASP A 80 -3.93 22.47 -8.58
C ASP A 80 -3.41 23.48 -7.56
N ILE A 81 -2.10 23.63 -7.44
CA ILE A 81 -1.49 24.55 -6.50
C ILE A 81 -1.21 25.87 -7.21
N ALA A 82 -1.82 26.96 -6.72
CA ALA A 82 -1.87 28.19 -7.49
C ALA A 82 -0.48 28.75 -7.76
N THR A 83 0.42 28.68 -6.77
CA THR A 83 1.73 29.29 -6.94
C THR A 83 2.61 28.51 -7.90
N TRP A 84 2.21 27.31 -8.33
CA TRP A 84 2.98 26.55 -9.30
C TRP A 84 2.80 27.07 -10.72
N ASN A 85 1.72 27.80 -10.97
CA ASN A 85 1.33 28.20 -12.32
C ASN A 85 1.89 29.59 -12.67
N ARG A 86 3.21 29.69 -12.57
CA ARG A 86 3.89 30.94 -12.88
C ARG A 86 5.36 30.65 -13.12
N ASP A 87 6.06 31.64 -13.66
CA ASP A 87 7.50 31.52 -13.83
C ASP A 87 8.19 31.39 -12.47
N HIS A 88 9.30 30.65 -12.45
CA HIS A 88 10.05 30.43 -11.21
C HIS A 88 11.55 30.49 -11.46
N ASN A 89 12.29 30.88 -10.42
CA ASN A 89 13.72 30.62 -10.34
C ASN A 89 13.97 29.61 -9.23
N LEU A 90 15.24 29.32 -8.98
CA LEU A 90 15.58 28.29 -8.00
C LEU A 90 15.09 28.68 -6.60
N ILE A 91 15.22 29.95 -6.24
CA ILE A 91 14.78 30.44 -4.93
C ILE A 91 13.29 30.20 -4.74
N THR A 92 12.47 30.66 -5.69
CA THR A 92 11.03 30.54 -5.52
C THR A 92 10.53 29.14 -5.81
N ALA A 93 11.20 28.40 -6.70
CA ALA A 93 10.81 27.01 -6.91
C ALA A 93 11.00 26.19 -5.65
N MET A 94 12.08 26.47 -4.91
CA MET A 94 12.31 25.78 -3.64
C MET A 94 11.30 26.21 -2.58
N LYS A 95 11.03 27.52 -2.48
CA LYS A 95 10.15 28.04 -1.44
C LYS A 95 8.73 27.47 -1.56
N TYR A 96 8.25 27.29 -2.79
CA TYR A 96 6.89 26.82 -3.02
C TYR A 96 6.85 25.35 -3.41
N SER A 97 7.93 24.62 -3.20
CA SER A 97 8.05 23.20 -3.56
C SER A 97 7.43 22.92 -4.93
N VAL A 98 7.93 23.65 -5.93
CA VAL A 98 7.39 23.54 -7.28
C VAL A 98 7.91 22.26 -7.94
N VAL A 99 7.16 21.15 -7.75
CA VAL A 99 7.60 19.83 -8.25
C VAL A 99 7.89 19.84 -9.75
N PRO A 100 7.03 20.37 -10.63
CA PRO A 100 7.32 20.28 -12.07
C PRO A 100 8.65 20.89 -12.46
N VAL A 101 9.12 21.94 -11.79
CA VAL A 101 10.43 22.47 -12.09
C VAL A 101 11.53 21.49 -11.70
N TYR A 102 11.36 20.80 -10.56
CA TYR A 102 12.38 19.86 -10.14
C TYR A 102 12.30 18.54 -10.88
N GLN A 103 11.12 18.19 -11.40
CA GLN A 103 11.03 17.04 -12.30
C GLN A 103 11.84 17.29 -13.56
N GLU A 104 11.83 18.54 -14.05
CA GLU A 104 12.64 18.87 -15.22
C GLU A 104 14.12 18.73 -14.91
N PHE A 105 14.56 19.13 -13.71
CA PHE A 105 15.97 18.95 -13.34
C PHE A 105 16.35 17.48 -13.36
N ALA A 106 15.49 16.63 -12.76
CA ALA A 106 15.77 15.20 -12.70
C ALA A 106 15.92 14.59 -14.09
N ARG A 107 15.10 15.01 -15.06
CA ARG A 107 15.20 14.43 -16.40
C ARG A 107 16.49 14.84 -17.09
N GLN A 108 16.95 16.07 -16.85
CA GLN A 108 18.22 16.50 -17.44
C GLN A 108 19.41 15.89 -16.71
N ILE A 109 19.27 15.61 -15.42
CA ILE A 109 20.36 14.96 -14.69
C ILE A 109 20.51 13.51 -15.15
N GLY A 110 19.39 12.83 -15.35
CA GLY A 110 19.37 11.45 -15.77
C GLY A 110 19.70 10.49 -14.64
N GLU A 111 19.36 9.22 -14.86
CA GLU A 111 19.46 8.21 -13.80
C GLU A 111 20.91 7.95 -13.39
N ALA A 112 21.84 7.90 -14.34
CA ALA A 112 23.23 7.54 -14.03
C ALA A 112 23.90 8.59 -13.14
N ARG A 113 23.88 9.86 -13.55
CA ARG A 113 24.54 10.89 -12.77
C ARG A 113 23.83 11.10 -11.43
N MET A 114 22.50 10.99 -11.42
CA MET A 114 21.76 11.14 -10.18
C MET A 114 22.19 10.08 -9.17
N SER A 115 22.20 8.82 -9.60
CA SER A 115 22.67 7.72 -8.76
C SER A 115 24.06 7.99 -8.20
N LYS A 116 25.02 8.30 -9.08
CA LYS A 116 26.39 8.57 -8.64
C LYS A 116 26.46 9.68 -7.59
N MET A 117 25.65 10.74 -7.77
CA MET A 117 25.71 11.87 -6.86
C MET A 117 25.19 11.48 -5.47
N LEU A 118 24.07 10.77 -5.42
CA LEU A 118 23.54 10.39 -4.11
C LEU A 118 24.47 9.44 -3.40
N HIS A 119 25.17 8.59 -4.16
CA HIS A 119 26.18 7.73 -3.56
C HIS A 119 27.28 8.58 -2.93
N ALA A 120 27.81 9.56 -3.67
CA ALA A 120 28.85 10.41 -3.13
C ALA A 120 28.34 11.26 -1.97
N PHE A 121 27.07 11.70 -2.03
CA PHE A 121 26.46 12.43 -0.93
C PHE A 121 26.25 11.58 0.31
N ASP A 122 26.30 10.25 0.18
CA ASP A 122 25.88 9.34 1.25
C ASP A 122 24.41 9.55 1.64
N TYR A 123 23.58 9.94 0.67
CA TYR A 123 22.21 10.40 0.96
C TYR A 123 21.27 9.22 1.18
N GLY A 124 20.76 9.08 2.40
CA GLY A 124 19.78 8.04 2.67
C GLY A 124 20.23 6.68 2.20
N ASN A 125 19.31 5.90 1.65
CA ASN A 125 19.69 4.58 1.15
C ASN A 125 20.28 4.62 -0.25
N GLU A 126 20.45 5.81 -0.84
CA GLU A 126 21.14 6.00 -2.12
C GLU A 126 20.46 5.23 -3.26
N ASP A 127 19.13 5.08 -3.20
CA ASP A 127 18.40 4.20 -4.10
C ASP A 127 17.41 5.05 -4.90
N ILE A 128 17.60 5.14 -6.21
CA ILE A 128 16.70 5.92 -7.06
C ILE A 128 15.73 5.03 -7.83
N SER A 129 15.46 3.82 -7.34
CA SER A 129 14.53 2.92 -8.02
C SER A 129 13.18 3.58 -8.20
N GLY A 130 12.61 3.41 -9.40
CA GLY A 130 11.38 4.10 -9.74
C GLY A 130 11.61 5.05 -10.89
N ASN A 131 10.73 6.02 -11.08
CA ASN A 131 10.89 6.94 -12.20
C ASN A 131 11.98 7.96 -11.91
N VAL A 132 12.72 8.35 -12.94
CA VAL A 132 13.81 9.28 -12.74
C VAL A 132 13.30 10.65 -12.25
N ASP A 133 12.05 10.99 -12.52
CA ASP A 133 11.54 12.31 -12.15
C ASP A 133 10.45 12.23 -11.08
N SER A 134 10.37 11.12 -10.34
CA SER A 134 9.44 11.08 -9.21
C SER A 134 9.90 10.08 -8.15
N PHE A 135 11.17 9.66 -8.16
CA PHE A 135 11.58 8.61 -7.24
C PHE A 135 11.57 9.09 -5.80
N TRP A 136 11.71 10.39 -5.57
CA TRP A 136 11.66 10.92 -4.21
C TRP A 136 10.23 11.08 -3.69
N LEU A 137 9.23 10.86 -4.53
CA LEU A 137 7.83 10.93 -4.10
C LEU A 137 7.14 9.58 -4.09
N ASP A 138 7.55 8.63 -4.94
CA ASP A 138 6.87 7.33 -5.00
C ASP A 138 7.80 6.19 -5.37
N GLY A 139 9.11 6.39 -5.33
CA GLY A 139 10.07 5.36 -5.65
C GLY A 139 10.71 4.73 -4.42
N GLY A 140 11.93 4.22 -4.60
CA GLY A 140 12.65 3.44 -3.62
C GLY A 140 13.57 4.20 -2.68
N ILE A 141 13.73 5.52 -2.86
CA ILE A 141 14.57 6.32 -1.97
C ILE A 141 13.92 6.41 -0.60
N ARG A 142 14.74 6.38 0.45
CA ARG A 142 14.27 6.49 1.82
C ARG A 142 15.33 7.21 2.62
N ILE A 143 14.92 7.99 3.62
CA ILE A 143 15.90 8.67 4.46
C ILE A 143 15.29 8.86 5.85
N SER A 144 16.12 8.68 6.87
CA SER A 144 15.71 8.92 8.24
C SER A 144 15.93 10.37 8.63
N ALA A 145 15.31 10.78 9.74
CA ALA A 145 15.50 12.13 10.26
C ALA A 145 16.96 12.38 10.66
N THR A 146 17.59 11.42 11.34
CA THR A 146 19.01 11.60 11.67
C THR A 146 19.88 11.57 10.42
N GLU A 147 19.55 10.73 9.44
CA GLU A 147 20.29 10.79 8.17
C GLU A 147 20.12 12.16 7.49
N GLN A 148 19.01 12.84 7.75
CA GLN A 148 18.88 14.22 7.27
C GLN A 148 19.85 15.15 7.99
N ILE A 149 19.92 15.04 9.33
CA ILE A 149 20.86 15.86 10.10
C ILE A 149 22.27 15.68 9.56
N SER A 150 22.68 14.42 9.39
CA SER A 150 24.02 14.12 8.91
C SER A 150 24.26 14.74 7.54
N PHE A 151 23.26 14.67 6.65
CA PHE A 151 23.41 15.28 5.33
C PHE A 151 23.48 16.81 5.43
N LEU A 152 22.64 17.41 6.28
CA LEU A 152 22.66 18.87 6.42
C LEU A 152 23.96 19.35 7.03
N ARG A 153 24.55 18.58 7.94
CA ARG A 153 25.79 19.00 8.59
C ARG A 153 26.91 19.19 7.56
N LYS A 154 27.04 18.27 6.61
CA LYS A 154 28.06 18.42 5.58
C LYS A 154 27.77 19.62 4.68
N LEU A 155 26.48 19.85 4.39
CA LEU A 155 26.08 21.01 3.60
C LEU A 155 26.50 22.30 4.29
N TYR A 156 26.19 22.43 5.57
CA TYR A 156 26.54 23.62 6.33
C TYR A 156 28.04 23.87 6.32
N HIS A 157 28.84 22.81 6.38
CA HIS A 157 30.29 22.93 6.42
C HIS A 157 30.96 22.89 5.05
N ASN A 158 30.18 22.99 3.97
CA ASN A 158 30.73 22.99 2.61
C ASN A 158 31.51 21.71 2.31
N LYS A 159 31.08 20.58 2.88
CA LYS A 159 31.85 19.33 2.86
C LYS A 159 31.31 18.29 1.88
N LEU A 160 30.21 18.58 1.19
CA LEU A 160 29.75 17.66 0.17
C LEU A 160 30.69 17.70 -1.03
N HIS A 161 30.53 16.70 -1.92
CA HIS A 161 31.43 16.53 -3.04
C HIS A 161 31.28 17.60 -4.12
N VAL A 162 30.13 18.27 -4.16
CA VAL A 162 29.88 19.33 -5.13
C VAL A 162 30.66 20.58 -4.75
N SER A 163 30.78 21.51 -5.69
CA SER A 163 31.57 22.72 -5.49
C SER A 163 31.07 23.52 -4.29
N GLU A 164 31.98 24.31 -3.69
CA GLU A 164 31.55 25.21 -2.63
C GLU A 164 30.47 26.16 -3.13
N ARG A 165 30.57 26.58 -4.38
CA ARG A 165 29.58 27.48 -4.97
C ARG A 165 28.18 26.87 -4.96
N SER A 166 28.04 25.60 -5.36
CA SER A 166 26.75 24.94 -5.31
C SER A 166 26.17 24.95 -3.90
N GLN A 167 26.99 24.59 -2.90
CA GLN A 167 26.48 24.47 -1.54
C GLN A 167 26.10 25.83 -0.96
N ARG A 168 26.82 26.90 -1.34
CA ARG A 168 26.46 28.20 -0.84
C ARG A 168 25.17 28.71 -1.47
N ILE A 169 24.96 28.43 -2.76
CA ILE A 169 23.73 28.86 -3.45
C ILE A 169 22.52 28.16 -2.84
N VAL A 170 22.61 26.85 -2.59
CA VAL A 170 21.48 26.12 -2.03
C VAL A 170 21.17 26.63 -0.62
N LYS A 171 22.21 26.85 0.21
CA LYS A 171 21.96 27.34 1.56
C LYS A 171 21.28 28.70 1.54
N GLN A 172 21.60 29.54 0.54
CA GLN A 172 20.83 30.76 0.32
C GLN A 172 19.36 30.45 0.04
N ALA A 173 19.08 29.56 -0.94
CA ALA A 173 17.70 29.24 -1.28
C ALA A 173 16.93 28.63 -0.12
N MET A 174 17.64 28.06 0.86
CA MET A 174 16.98 27.45 1.99
C MET A 174 16.47 28.48 2.99
N LEU A 175 16.87 29.73 2.84
CA LEU A 175 16.46 30.79 3.76
C LEU A 175 14.94 30.84 3.87
N THR A 176 14.45 30.77 5.10
CA THR A 176 13.03 30.76 5.39
C THR A 176 12.61 31.91 6.28
N GLU A 177 13.41 32.23 7.29
CA GLU A 177 13.02 33.19 8.31
C GLU A 177 14.29 33.76 8.94
N ALA A 178 14.32 35.08 9.12
CA ALA A 178 15.51 35.69 9.70
C ALA A 178 15.09 36.86 10.58
N ASN A 179 15.88 37.07 11.63
CA ASN A 179 15.46 37.81 12.80
C ASN A 179 16.66 38.49 13.43
N GLY A 180 16.38 39.44 14.34
CA GLY A 180 17.40 39.86 15.28
C GLY A 180 17.87 38.77 16.21
N ASP A 181 17.08 37.68 16.36
CA ASP A 181 17.45 36.61 17.27
C ASP A 181 18.00 35.37 16.56
N TYR A 182 17.56 35.06 15.34
CA TYR A 182 17.97 33.81 14.72
C TYR A 182 17.79 33.87 13.21
N ILE A 183 18.38 32.88 12.55
CA ILE A 183 18.19 32.59 11.13
C ILE A 183 17.73 31.14 11.03
N ILE A 184 16.75 30.88 10.18
CA ILE A 184 16.29 29.52 9.90
C ILE A 184 16.49 29.24 8.43
N ARG A 185 17.33 28.26 8.12
CA ARG A 185 17.40 27.66 6.79
C ARG A 185 16.77 26.27 6.87
N ALA A 186 15.80 26.01 6.00
CA ALA A 186 15.04 24.78 6.12
C ALA A 186 14.36 24.46 4.80
N LYS A 187 13.85 23.24 4.70
CA LYS A 187 13.05 22.82 3.56
C LYS A 187 11.86 22.05 4.09
N THR A 188 10.66 22.39 3.61
CA THR A 188 9.47 21.62 3.94
C THR A 188 9.28 20.47 2.96
N GLY A 189 8.53 19.46 3.40
CA GLY A 189 8.21 18.33 2.54
C GLY A 189 6.87 17.74 2.92
N TYR A 190 6.24 17.07 1.96
CA TYR A 190 4.96 16.41 2.20
C TYR A 190 4.90 15.15 1.34
N SER A 191 5.07 13.98 1.98
CA SER A 191 4.97 12.68 1.31
C SER A 191 3.50 12.33 1.14
N THR A 192 3.00 12.43 -0.10
CA THR A 192 1.58 12.30 -0.36
C THR A 192 1.19 11.04 -1.12
N ARG A 193 2.13 10.31 -1.70
CA ARG A 193 1.78 9.25 -2.63
C ARG A 193 1.82 7.85 -2.04
N ILE A 194 2.74 7.57 -1.13
CA ILE A 194 2.88 6.26 -0.50
C ILE A 194 2.68 6.43 0.99
N GLU A 195 1.95 5.50 1.61
CA GLU A 195 1.66 5.56 3.02
C GLU A 195 2.89 5.18 3.84
N PRO A 196 3.03 5.74 5.07
CA PRO A 196 2.10 6.71 5.64
C PRO A 196 2.39 8.13 5.16
N LYS A 197 1.34 8.87 4.84
CA LYS A 197 1.50 10.27 4.48
C LYS A 197 2.11 11.04 5.65
N ILE A 198 3.26 11.67 5.43
CA ILE A 198 3.96 12.40 6.48
C ILE A 198 4.37 13.77 5.96
N GLY A 199 4.57 14.69 6.89
CA GLY A 199 5.08 16.01 6.60
C GLY A 199 6.47 16.17 7.19
N TRP A 200 7.34 16.84 6.46
CA TRP A 200 8.73 17.01 6.84
C TRP A 200 9.04 18.47 7.14
N TRP A 201 10.00 18.70 8.03
CA TRP A 201 10.71 19.97 8.10
C TRP A 201 12.14 19.70 8.57
N VAL A 202 13.13 20.07 7.74
CA VAL A 202 14.52 19.79 8.01
C VAL A 202 15.33 21.04 7.70
N GLY A 203 16.39 21.25 8.48
CA GLY A 203 17.24 22.41 8.29
C GLY A 203 18.01 22.70 9.57
N TRP A 204 18.20 23.99 9.83
CA TRP A 204 18.92 24.36 11.04
C TRP A 204 18.60 25.80 11.43
N VAL A 205 18.92 26.12 12.69
CA VAL A 205 18.72 27.43 13.28
C VAL A 205 20.09 28.01 13.60
N GLU A 206 20.44 29.12 12.96
CA GLU A 206 21.70 29.79 13.20
C GLU A 206 21.53 30.82 14.31
N LEU A 207 22.25 30.64 15.41
CA LEU A 207 22.32 31.64 16.45
C LEU A 207 23.64 32.40 16.33
N ASP A 208 23.84 33.37 17.22
CA ASP A 208 25.04 34.21 17.17
C ASP A 208 26.31 33.39 17.33
N ASP A 209 26.32 32.40 18.24
CA ASP A 209 27.52 31.63 18.50
C ASP A 209 27.32 30.12 18.38
N ASN A 210 26.17 29.66 17.89
CA ASN A 210 25.89 28.24 17.76
C ASN A 210 24.93 28.06 16.60
N VAL A 211 24.81 26.82 16.12
CA VAL A 211 23.80 26.46 15.15
C VAL A 211 23.15 25.15 15.60
N TRP A 212 21.82 25.08 15.53
CA TRP A 212 21.05 23.91 15.94
C TRP A 212 20.43 23.28 14.70
N PHE A 213 20.92 22.10 14.31
CA PHE A 213 20.29 21.39 13.21
C PHE A 213 19.03 20.68 13.71
N PHE A 214 18.03 20.60 12.83
CA PHE A 214 16.80 19.91 13.17
C PHE A 214 16.25 19.16 11.98
N ALA A 215 15.62 18.03 12.26
CA ALA A 215 14.86 17.28 11.26
C ALA A 215 13.64 16.72 11.95
N MET A 216 12.47 17.02 11.41
CA MET A 216 11.24 16.51 11.98
C MET A 216 10.36 15.95 10.88
N ASN A 217 9.58 14.93 11.24
CA ASN A 217 8.47 14.46 10.43
C ASN A 217 7.32 14.06 11.35
N MET A 218 6.12 14.10 10.81
CA MET A 218 4.90 13.79 11.54
C MET A 218 3.87 13.23 10.59
N ASP A 219 2.93 12.46 11.13
CA ASP A 219 1.82 11.94 10.35
C ASP A 219 0.94 13.09 9.85
N MET A 220 0.48 12.98 8.61
CA MET A 220 -0.22 14.08 7.93
C MET A 220 -1.27 13.50 7.00
N PRO A 221 -2.43 13.08 7.52
CA PRO A 221 -3.47 12.54 6.64
C PRO A 221 -4.04 13.56 5.69
N THR A 222 -3.97 14.85 6.03
CA THR A 222 -4.63 15.91 5.30
C THR A 222 -3.68 17.09 5.17
N SER A 223 -3.84 17.86 4.09
CA SER A 223 -2.98 19.03 3.94
C SER A 223 -3.38 20.15 4.90
N ASP A 224 -4.54 20.03 5.55
CA ASP A 224 -5.03 21.03 6.49
C ASP A 224 -4.09 21.25 7.68
N GLY A 225 -3.24 20.29 8.03
CA GLY A 225 -2.38 20.41 9.18
C GLY A 225 -0.93 20.70 8.90
N LEU A 226 -0.59 21.09 7.67
CA LEU A 226 0.82 21.28 7.31
C LEU A 226 1.49 22.36 8.15
N GLY A 227 0.73 23.33 8.64
CA GLY A 227 1.28 24.38 9.49
C GLY A 227 1.83 23.89 10.81
N LEU A 228 1.35 22.73 11.30
CA LEU A 228 1.85 22.19 12.55
C LEU A 228 3.32 21.80 12.48
N ARG A 229 3.85 21.50 11.28
CA ARG A 229 5.27 21.21 11.13
C ARG A 229 6.11 22.29 11.78
N GLN A 230 5.94 23.53 11.33
CA GLN A 230 6.71 24.64 11.87
C GLN A 230 6.26 25.00 13.27
N ALA A 231 4.94 24.98 13.52
CA ALA A 231 4.43 25.38 14.82
C ALA A 231 4.96 24.49 15.93
N ILE A 232 4.94 23.17 15.72
CA ILE A 232 5.39 22.25 16.76
C ILE A 232 6.90 22.31 16.92
N THR A 233 7.61 22.44 15.80
CA THR A 233 9.06 22.55 15.88
C THR A 233 9.47 23.80 16.65
N LYS A 234 8.77 24.91 16.42
CA LYS A 234 9.15 26.14 17.11
C LYS A 234 8.87 26.03 18.61
N GLU A 235 7.77 25.36 18.99
CA GLU A 235 7.47 25.15 20.39
C GLU A 235 8.60 24.38 21.07
N VAL A 236 9.07 23.31 20.41
CA VAL A 236 10.22 22.56 20.93
C VAL A 236 11.43 23.47 21.06
N LEU A 237 11.66 24.34 20.06
CA LEU A 237 12.77 25.28 20.15
C LEU A 237 12.58 26.24 21.32
N LYS A 238 11.33 26.63 21.61
CA LYS A 238 11.07 27.51 22.75
C LYS A 238 11.27 26.77 24.07
N GLN A 239 10.86 25.50 24.13
CA GLN A 239 11.07 24.72 25.34
C GLN A 239 12.55 24.62 25.69
N GLU A 240 13.40 24.37 24.69
CA GLU A 240 14.84 24.28 24.92
C GLU A 240 15.52 25.63 24.94
N LYS A 241 14.74 26.71 24.96
CA LYS A 241 15.27 28.08 25.07
C LYS A 241 16.31 28.37 23.99
N ILE A 242 16.14 27.74 22.81
CA ILE A 242 16.98 28.04 21.66
C ILE A 242 16.54 29.34 21.00
N ILE A 243 15.23 29.51 20.82
CA ILE A 243 14.67 30.74 20.27
C ILE A 243 13.77 31.34 21.34
N PRO A 244 13.49 32.66 21.27
CA PRO A 244 12.67 33.28 22.31
C PRO A 244 11.17 33.07 22.09
N MET B 3 -32.56 1.36 -17.91
CA MET B 3 -32.42 1.00 -16.51
C MET B 3 -31.53 2.00 -15.78
N TRP B 4 -30.23 1.71 -15.73
CA TRP B 4 -29.28 2.60 -15.08
C TRP B 4 -29.13 3.90 -15.88
N GLN B 5 -28.73 4.97 -15.19
CA GLN B 5 -28.70 6.30 -15.77
C GLN B 5 -27.80 7.18 -14.92
N GLU B 6 -26.90 7.93 -15.56
CA GLU B 6 -25.95 8.78 -14.85
C GLU B 6 -26.45 10.21 -14.75
N ASN B 7 -26.16 10.83 -13.61
CA ASN B 7 -26.65 12.16 -13.28
C ASN B 7 -25.47 12.88 -12.60
N LYS B 8 -24.61 13.49 -13.42
CA LYS B 8 -23.40 14.12 -12.92
C LYS B 8 -23.67 15.39 -12.12
N SER B 9 -24.87 15.97 -12.23
CA SER B 9 -25.30 17.11 -11.43
C SER B 9 -24.90 16.96 -9.96
N TRP B 10 -25.01 15.75 -9.41
CA TRP B 10 -24.79 15.52 -7.98
C TRP B 10 -23.35 15.81 -7.56
N ASN B 11 -22.41 15.84 -8.51
CA ASN B 11 -21.02 16.11 -8.16
C ASN B 11 -20.83 17.46 -7.48
N ALA B 12 -21.75 18.40 -7.69
CA ALA B 12 -21.69 19.68 -6.98
C ALA B 12 -21.63 19.47 -5.47
N HIS B 13 -22.39 18.49 -4.95
CA HIS B 13 -22.41 18.25 -3.52
C HIS B 13 -21.09 17.69 -3.01
N PHE B 14 -20.33 17.00 -3.87
CA PHE B 14 -19.04 16.46 -3.46
C PHE B 14 -17.95 17.52 -3.50
N THR B 15 -17.86 18.28 -4.60
CA THR B 15 -16.80 19.28 -4.73
C THR B 15 -16.97 20.44 -3.75
N GLU B 16 -18.22 20.76 -3.38
CA GLU B 16 -18.44 21.83 -2.42
C GLU B 16 -17.74 21.55 -1.09
N HIS B 17 -17.67 20.29 -0.67
CA HIS B 17 -16.99 19.93 0.55
C HIS B 17 -15.60 19.37 0.32
N LYS B 18 -14.96 19.76 -0.80
CA LYS B 18 -13.60 19.33 -1.13
C LYS B 18 -13.46 17.81 -1.12
N SER B 19 -14.52 17.09 -1.46
CA SER B 19 -14.52 15.64 -1.40
C SER B 19 -14.84 15.05 -2.78
N GLN B 20 -14.98 13.73 -2.80
CA GLN B 20 -15.09 12.97 -4.05
C GLN B 20 -15.69 11.61 -3.72
N GLY B 21 -16.72 11.20 -4.47
CA GLY B 21 -17.29 9.90 -4.24
C GLY B 21 -18.44 9.59 -5.16
N VAL B 22 -19.26 8.64 -4.75
CA VAL B 22 -20.32 8.13 -5.59
C VAL B 22 -21.56 7.92 -4.73
N VAL B 23 -22.73 8.24 -5.28
CA VAL B 23 -24.01 7.88 -4.70
C VAL B 23 -24.76 7.05 -5.74
N VAL B 24 -25.29 5.91 -5.31
CA VAL B 24 -26.11 5.05 -6.16
C VAL B 24 -27.50 4.99 -5.54
N LEU B 25 -28.52 5.34 -6.33
CA LEU B 25 -29.92 5.25 -5.92
C LEU B 25 -30.62 4.21 -6.79
N TRP B 26 -31.46 3.39 -6.16
CA TRP B 26 -32.30 2.44 -6.88
C TRP B 26 -33.76 2.67 -6.49
N ASN B 27 -34.61 2.87 -7.50
CA ASN B 27 -36.04 3.07 -7.30
C ASN B 27 -36.73 1.72 -7.43
N GLU B 28 -37.26 1.20 -6.32
CA GLU B 28 -37.76 -0.17 -6.35
C GLU B 28 -39.02 -0.30 -7.20
N ASN B 29 -39.94 0.66 -7.07
CA ASN B 29 -41.19 0.59 -7.83
C ASN B 29 -40.93 0.64 -9.33
N LYS B 30 -40.00 1.49 -9.76
CA LYS B 30 -39.76 1.71 -11.18
C LYS B 30 -38.61 0.88 -11.73
N GLN B 31 -37.91 0.11 -10.91
CA GLN B 31 -36.78 -0.71 -11.34
C GLN B 31 -35.80 0.12 -12.17
N GLN B 32 -35.36 1.24 -11.59
CA GLN B 32 -34.48 2.16 -12.27
C GLN B 32 -33.41 2.66 -11.32
N GLY B 33 -32.17 2.73 -11.80
CA GLY B 33 -31.05 3.14 -10.98
C GLY B 33 -30.43 4.45 -11.42
N PHE B 34 -29.71 5.11 -10.50
CA PHE B 34 -29.13 6.42 -10.75
C PHE B 34 -27.80 6.52 -10.01
N THR B 35 -26.88 7.29 -10.58
CA THR B 35 -25.55 7.46 -9.98
C THR B 35 -24.87 8.65 -10.64
N ASN B 36 -23.94 9.25 -9.91
CA ASN B 36 -23.12 10.36 -10.42
C ASN B 36 -21.86 9.88 -11.13
N ASN B 37 -21.54 8.59 -11.04
CA ASN B 37 -20.29 8.06 -11.57
C ASN B 37 -20.47 6.54 -11.70
N LEU B 38 -20.72 6.08 -12.93
CA LEU B 38 -21.00 4.66 -13.14
C LEU B 38 -19.76 3.81 -12.95
N LYS B 39 -18.59 4.33 -13.31
CA LYS B 39 -17.37 3.57 -13.08
C LYS B 39 -17.18 3.29 -11.60
N ARG B 40 -17.21 4.34 -10.78
CA ARG B 40 -16.98 4.15 -9.35
C ARG B 40 -18.09 3.32 -8.72
N ALA B 41 -19.30 3.34 -9.30
CA ALA B 41 -20.42 2.58 -8.74
C ALA B 41 -20.14 1.08 -8.75
N ASN B 42 -19.39 0.60 -9.74
CA ASN B 42 -19.08 -0.82 -9.85
C ASN B 42 -17.66 -1.16 -9.39
N GLN B 43 -16.97 -0.22 -8.73
CA GLN B 43 -15.63 -0.45 -8.20
C GLN B 43 -15.72 -1.01 -6.79
N ALA B 44 -14.95 -2.04 -6.51
CA ALA B 44 -15.11 -2.78 -5.27
C ALA B 44 -14.10 -2.29 -4.23
N PHE B 45 -14.61 -1.90 -3.08
CA PHE B 45 -13.81 -1.48 -1.94
C PHE B 45 -14.03 -2.44 -0.78
N LEU B 46 -13.16 -2.34 0.22
CA LEU B 46 -13.40 -3.04 1.48
C LEU B 46 -14.74 -2.58 2.04
N PRO B 47 -15.63 -3.50 2.43
CA PRO B 47 -16.92 -3.08 2.99
C PRO B 47 -16.80 -2.39 4.33
N ALA B 48 -15.67 -2.54 5.02
CA ALA B 48 -15.50 -2.00 6.37
C ALA B 48 -16.68 -2.43 7.23
N SER B 49 -17.19 -1.52 8.07
CA SER B 49 -18.24 -1.86 9.01
C SER B 49 -19.61 -2.01 8.36
N THR B 50 -19.76 -1.76 7.05
CA THR B 50 -20.98 -2.19 6.40
C THR B 50 -21.07 -3.70 6.37
N PHE B 51 -19.93 -4.38 6.55
CA PHE B 51 -19.95 -5.81 6.69
C PHE B 51 -20.71 -6.26 7.94
N KCX B 52 -21.07 -5.32 8.81
CA KCX B 52 -21.81 -5.70 10.00
CB KCX B 52 -21.84 -4.55 11.01
CG KCX B 52 -20.60 -4.54 11.89
CD KCX B 52 -20.56 -3.40 12.91
CE KCX B 52 -19.23 -3.38 13.67
NZ KCX B 52 -18.14 -2.99 12.73
C KCX B 52 -23.23 -6.18 9.65
O KCX B 52 -23.87 -6.88 10.44
CX KCX B 52 -17.35 -3.89 12.15
OQ1 KCX B 52 -16.46 -3.54 11.35
OQ2 KCX B 52 -17.47 -5.09 12.39
N ILE B 53 -23.70 -5.85 8.44
CA ILE B 53 -25.02 -6.32 8.03
C ILE B 53 -24.98 -7.82 7.75
N PRO B 54 -24.14 -8.29 6.81
CA PRO B 54 -24.09 -9.74 6.60
C PRO B 54 -23.61 -10.51 7.82
N ASN B 55 -22.64 -9.95 8.56
CA ASN B 55 -22.13 -10.61 9.76
C ASN B 55 -23.24 -10.80 10.79
N SER B 56 -24.09 -9.78 10.96
CA SER B 56 -25.22 -9.92 11.87
C SER B 56 -26.11 -11.08 11.43
N LEU B 57 -26.50 -11.10 10.15
CA LEU B 57 -27.38 -12.15 9.64
C LEU B 57 -26.82 -13.53 9.92
N ILE B 58 -25.53 -13.73 9.64
CA ILE B 58 -24.90 -15.04 9.82
C ILE B 58 -24.91 -15.41 11.30
N ALA B 59 -24.49 -14.50 12.17
CA ALA B 59 -24.44 -14.79 13.59
C ALA B 59 -25.82 -15.19 14.14
N LEU B 60 -26.87 -14.51 13.68
CA LEU B 60 -28.21 -14.81 14.15
C LEU B 60 -28.66 -16.17 13.65
N ASP B 61 -28.46 -16.43 12.36
CA ASP B 61 -28.96 -17.66 11.78
C ASP B 61 -28.29 -18.89 12.39
N LEU B 62 -27.02 -18.77 12.76
CA LEU B 62 -26.26 -19.87 13.33
C LEU B 62 -26.44 -19.98 14.84
N GLY B 63 -27.07 -19.00 15.47
CA GLY B 63 -27.27 -19.04 16.90
C GLY B 63 -26.12 -18.55 17.73
N VAL B 64 -25.06 -18.02 17.10
CA VAL B 64 -24.03 -17.32 17.85
C VAL B 64 -24.63 -16.17 18.64
N VAL B 65 -25.66 -15.52 18.09
CA VAL B 65 -26.43 -14.49 18.77
C VAL B 65 -27.87 -14.99 18.86
N LYS B 66 -28.39 -15.06 20.07
CA LYS B 66 -29.73 -15.64 20.25
C LYS B 66 -30.82 -14.71 19.74
N ASP B 67 -30.73 -13.43 20.10
CA ASP B 67 -31.64 -12.40 19.61
C ASP B 67 -30.99 -11.05 19.87
N GLU B 68 -31.74 -9.98 19.61
CA GLU B 68 -31.22 -8.63 19.66
C GLU B 68 -31.05 -8.10 21.07
N HIS B 69 -31.61 -8.77 22.08
CA HIS B 69 -31.46 -8.34 23.45
C HIS B 69 -30.23 -8.91 24.15
N GLN B 70 -29.58 -9.92 23.56
CA GLN B 70 -28.49 -10.60 24.24
C GLN B 70 -27.32 -9.64 24.46
N VAL B 71 -26.78 -9.65 25.68
CA VAL B 71 -25.77 -8.69 26.08
C VAL B 71 -24.37 -9.27 25.85
N PHE B 72 -23.51 -8.48 25.22
CA PHE B 72 -22.09 -8.80 25.06
C PHE B 72 -21.31 -7.88 25.99
N LYS B 73 -20.89 -8.42 27.13
CA LYS B 73 -20.31 -7.59 28.17
C LYS B 73 -18.95 -7.06 27.73
N TRP B 74 -18.65 -5.84 28.20
CA TRP B 74 -17.37 -5.23 27.91
C TRP B 74 -16.22 -6.05 28.52
N ASP B 75 -15.10 -6.13 27.80
CA ASP B 75 -13.97 -6.94 28.24
C ASP B 75 -12.99 -6.16 29.11
N GLY B 76 -13.28 -4.90 29.46
CA GLY B 76 -12.42 -4.11 30.32
C GLY B 76 -11.30 -3.37 29.60
N GLN B 77 -10.91 -3.82 28.42
CA GLN B 77 -9.92 -3.10 27.64
C GLN B 77 -10.49 -1.74 27.21
N THR B 78 -9.81 -0.66 27.58
CA THR B 78 -10.25 0.69 27.21
C THR B 78 -9.73 1.03 25.82
N ARG B 79 -10.64 1.14 24.86
CA ARG B 79 -10.28 1.45 23.48
C ARG B 79 -10.53 2.93 23.18
N ASP B 80 -10.12 3.35 21.97
CA ASP B 80 -10.05 4.77 21.66
C ASP B 80 -11.41 5.42 21.46
N ILE B 81 -12.39 4.65 20.99
CA ILE B 81 -13.75 5.14 20.79
C ILE B 81 -14.55 4.90 22.07
N ALA B 82 -15.01 5.99 22.69
CA ALA B 82 -15.56 5.90 24.03
C ALA B 82 -16.81 5.03 24.07
N THR B 83 -17.66 5.11 23.04
CA THR B 83 -18.88 4.33 23.09
C THR B 83 -18.62 2.83 23.00
N TRP B 84 -17.39 2.40 22.69
CA TRP B 84 -17.07 0.98 22.62
C TRP B 84 -16.84 0.36 24.00
N ASN B 85 -16.51 1.18 25.00
CA ASN B 85 -16.12 0.68 26.31
C ASN B 85 -17.33 0.53 27.24
N ARG B 86 -18.25 -0.33 26.82
CA ARG B 86 -19.46 -0.60 27.60
C ARG B 86 -20.10 -1.88 27.10
N ASP B 87 -21.09 -2.35 27.85
CA ASP B 87 -21.89 -3.49 27.40
C ASP B 87 -22.70 -3.11 26.17
N HIS B 88 -22.90 -4.08 25.29
CA HIS B 88 -23.66 -3.86 24.06
C HIS B 88 -24.60 -5.03 23.78
N ASN B 89 -25.66 -4.74 23.02
CA ASN B 89 -26.46 -5.75 22.34
C ASN B 89 -26.29 -5.53 20.84
N LEU B 90 -27.03 -6.31 20.04
CA LEU B 90 -26.86 -6.23 18.60
C LEU B 90 -27.22 -4.85 18.06
N ILE B 91 -28.32 -4.28 18.54
CA ILE B 91 -28.76 -2.96 18.09
C ILE B 91 -27.68 -1.90 18.36
N THR B 92 -27.19 -1.84 19.59
CA THR B 92 -26.22 -0.80 19.91
C THR B 92 -24.84 -1.11 19.35
N ALA B 93 -24.47 -2.38 19.25
CA ALA B 93 -23.19 -2.70 18.62
C ALA B 93 -23.19 -2.27 17.16
N MET B 94 -24.34 -2.40 16.49
CA MET B 94 -24.41 -2.00 15.09
C MET B 94 -24.41 -0.48 14.95
N LYS B 95 -25.24 0.20 15.76
CA LYS B 95 -25.33 1.65 15.69
C LYS B 95 -23.96 2.32 15.87
N TYR B 96 -23.18 1.84 16.84
CA TYR B 96 -21.88 2.44 17.17
C TYR B 96 -20.71 1.74 16.49
N SER B 97 -20.96 0.77 15.60
CA SER B 97 -19.92 0.08 14.84
C SER B 97 -18.89 -0.52 15.78
N VAL B 98 -19.37 -1.21 16.82
CA VAL B 98 -18.47 -1.77 17.84
C VAL B 98 -17.71 -2.96 17.26
N VAL B 99 -16.53 -2.68 16.69
CA VAL B 99 -15.78 -3.72 15.98
C VAL B 99 -15.46 -4.92 16.87
N PRO B 100 -14.91 -4.77 18.08
CA PRO B 100 -14.53 -5.97 18.84
C PRO B 100 -15.71 -6.88 19.19
N VAL B 101 -16.94 -6.37 19.23
CA VAL B 101 -18.09 -7.26 19.38
C VAL B 101 -18.27 -8.10 18.11
N TYR B 102 -18.11 -7.49 16.94
CA TYR B 102 -18.28 -8.26 15.71
C TYR B 102 -17.07 -9.15 15.42
N GLN B 103 -15.91 -8.85 15.99
CA GLN B 103 -14.80 -9.78 15.90
C GLN B 103 -15.06 -11.05 16.70
N GLU B 104 -15.76 -10.92 17.83
CA GLU B 104 -16.15 -12.12 18.55
C GLU B 104 -17.12 -12.97 17.73
N PHE B 105 -18.05 -12.33 17.02
CA PHE B 105 -18.95 -13.10 16.15
C PHE B 105 -18.16 -13.86 15.09
N ALA B 106 -17.18 -13.20 14.47
CA ALA B 106 -16.44 -13.81 13.38
C ALA B 106 -15.66 -15.03 13.86
N ARG B 107 -15.11 -14.99 15.07
CA ARG B 107 -14.35 -16.14 15.57
C ARG B 107 -15.27 -17.33 15.85
N GLN B 108 -16.47 -17.05 16.37
CA GLN B 108 -17.42 -18.13 16.63
C GLN B 108 -17.95 -18.72 15.33
N ILE B 109 -18.13 -17.88 14.31
CA ILE B 109 -18.62 -18.36 13.02
C ILE B 109 -17.58 -19.27 12.37
N GLY B 110 -16.32 -18.86 12.41
CA GLY B 110 -15.24 -19.59 11.80
C GLY B 110 -15.17 -19.39 10.30
N GLU B 111 -13.99 -19.68 9.74
CA GLU B 111 -13.73 -19.43 8.32
C GLU B 111 -14.62 -20.27 7.42
N ALA B 112 -14.86 -21.54 7.78
CA ALA B 112 -15.63 -22.43 6.91
C ALA B 112 -17.06 -21.94 6.75
N ARG B 113 -17.78 -21.74 7.86
CA ARG B 113 -19.18 -21.35 7.76
C ARG B 113 -19.31 -19.92 7.22
N MET B 114 -18.37 -19.05 7.57
CA MET B 114 -18.40 -17.69 7.03
C MET B 114 -18.28 -17.71 5.51
N SER B 115 -17.35 -18.53 5.01
CA SER B 115 -17.10 -18.61 3.57
C SER B 115 -18.34 -19.07 2.80
N LYS B 116 -18.94 -20.19 3.22
CA LYS B 116 -20.10 -20.68 2.50
C LYS B 116 -21.33 -19.76 2.69
N MET B 117 -21.39 -19.01 3.78
CA MET B 117 -22.50 -18.06 3.94
C MET B 117 -22.39 -16.92 2.92
N LEU B 118 -21.22 -16.30 2.82
CA LEU B 118 -21.06 -15.23 1.85
C LEU B 118 -21.26 -15.73 0.43
N HIS B 119 -20.87 -16.97 0.17
CA HIS B 119 -21.11 -17.56 -1.15
C HIS B 119 -22.61 -17.63 -1.43
N ALA B 120 -23.39 -18.17 -0.49
CA ALA B 120 -24.83 -18.25 -0.69
C ALA B 120 -25.47 -16.87 -0.75
N PHE B 121 -24.90 -15.89 -0.02
CA PHE B 121 -25.38 -14.51 -0.07
C PHE B 121 -25.06 -13.82 -1.39
N ASP B 122 -24.15 -14.39 -2.18
CA ASP B 122 -23.64 -13.75 -3.39
C ASP B 122 -23.00 -12.40 -3.06
N TYR B 123 -22.36 -12.29 -1.90
CA TYR B 123 -21.92 -11.02 -1.34
C TYR B 123 -20.55 -10.64 -1.88
N GLY B 124 -20.49 -9.57 -2.69
CA GLY B 124 -19.21 -9.05 -3.14
C GLY B 124 -18.40 -10.10 -3.88
N ASN B 125 -17.11 -10.14 -3.64
CA ASN B 125 -16.31 -11.16 -4.27
C ASN B 125 -16.30 -12.47 -3.50
N GLU B 126 -17.05 -12.56 -2.38
CA GLU B 126 -17.19 -13.80 -1.60
C GLU B 126 -15.84 -14.33 -1.11
N ASP B 127 -14.91 -13.42 -0.78
CA ASP B 127 -13.52 -13.76 -0.52
C ASP B 127 -13.16 -13.35 0.92
N ILE B 128 -12.94 -14.32 1.80
CA ILE B 128 -12.61 -14.02 3.20
C ILE B 128 -11.11 -14.19 3.48
N SER B 129 -10.28 -14.11 2.45
CA SER B 129 -8.85 -14.27 2.69
C SER B 129 -8.34 -13.17 3.60
N GLY B 130 -7.38 -13.53 4.44
CA GLY B 130 -6.98 -12.69 5.55
C GLY B 130 -7.40 -13.29 6.88
N ASN B 131 -7.53 -12.42 7.88
CA ASN B 131 -7.87 -12.89 9.21
C ASN B 131 -9.36 -13.14 9.31
N VAL B 132 -9.73 -14.20 10.04
CA VAL B 132 -11.14 -14.53 10.19
C VAL B 132 -11.91 -13.43 10.92
N ASP B 133 -11.23 -12.61 11.73
CA ASP B 133 -11.91 -11.56 12.48
C ASP B 133 -11.48 -10.16 12.06
N SER B 134 -10.95 -10.00 10.85
CA SER B 134 -10.65 -8.65 10.37
C SER B 134 -10.65 -8.57 8.85
N PHE B 135 -11.10 -9.61 8.13
CA PHE B 135 -10.95 -9.61 6.69
C PHE B 135 -11.79 -8.52 6.04
N TRP B 136 -12.87 -8.08 6.69
CA TRP B 136 -13.64 -6.98 6.13
C TRP B 136 -12.97 -5.62 6.33
N LEU B 137 -11.96 -5.55 7.19
CA LEU B 137 -11.20 -4.32 7.37
C LEU B 137 -9.87 -4.33 6.65
N ASP B 138 -9.23 -5.50 6.49
CA ASP B 138 -7.90 -5.50 5.87
C ASP B 138 -7.60 -6.78 5.09
N GLY B 139 -8.58 -7.58 4.75
CA GLY B 139 -8.37 -8.79 3.99
C GLY B 139 -8.75 -8.63 2.53
N GLY B 140 -9.19 -9.74 1.92
CA GLY B 140 -9.43 -9.85 0.50
C GLY B 140 -10.85 -9.62 0.04
N ILE B 141 -11.79 -9.41 0.96
CA ILE B 141 -13.18 -9.13 0.59
C ILE B 141 -13.27 -7.76 -0.06
N ARG B 142 -14.14 -7.64 -1.07
CA ARG B 142 -14.33 -6.40 -1.81
C ARG B 142 -15.78 -6.36 -2.24
N ILE B 143 -16.38 -5.17 -2.26
CA ILE B 143 -17.77 -5.06 -2.72
C ILE B 143 -17.95 -3.67 -3.32
N SER B 144 -18.74 -3.61 -4.39
CA SER B 144 -19.04 -2.34 -5.01
C SER B 144 -20.34 -1.76 -4.44
N ALA B 145 -20.56 -0.47 -4.73
CA ALA B 145 -21.79 0.19 -4.33
C ALA B 145 -23.03 -0.48 -4.93
N THR B 146 -23.01 -0.79 -6.23
CA THR B 146 -24.14 -1.48 -6.84
C THR B 146 -24.28 -2.90 -6.30
N GLU B 147 -23.16 -3.58 -6.03
CA GLU B 147 -23.27 -4.89 -5.37
C GLU B 147 -23.88 -4.75 -3.96
N GLN B 148 -23.69 -3.61 -3.29
CA GLN B 148 -24.37 -3.38 -2.03
C GLN B 148 -25.88 -3.27 -2.23
N ILE B 149 -26.31 -2.49 -3.23
CA ILE B 149 -27.74 -2.37 -3.55
C ILE B 149 -28.34 -3.75 -3.80
N SER B 150 -27.66 -4.54 -4.63
CA SER B 150 -28.09 -5.90 -4.91
C SER B 150 -28.32 -6.70 -3.63
N PHE B 151 -27.33 -6.66 -2.74
CA PHE B 151 -27.44 -7.41 -1.49
C PHE B 151 -28.57 -6.87 -0.62
N LEU B 152 -28.73 -5.54 -0.58
CA LEU B 152 -29.75 -4.95 0.29
C LEU B 152 -31.15 -5.30 -0.20
N ARG B 153 -31.35 -5.30 -1.53
CA ARG B 153 -32.66 -5.64 -2.07
C ARG B 153 -33.10 -7.03 -1.63
N LYS B 154 -32.19 -8.01 -1.67
CA LYS B 154 -32.54 -9.35 -1.18
C LYS B 154 -32.94 -9.29 0.30
N LEU B 155 -32.19 -8.51 1.10
CA LEU B 155 -32.50 -8.39 2.53
C LEU B 155 -33.88 -7.80 2.73
N TYR B 156 -34.18 -6.70 2.03
CA TYR B 156 -35.46 -6.03 2.18
C TYR B 156 -36.62 -6.97 1.86
N HIS B 157 -36.46 -7.85 0.87
CA HIS B 157 -37.49 -8.77 0.44
C HIS B 157 -37.43 -10.14 1.14
N ASN B 158 -36.60 -10.29 2.18
CA ASN B 158 -36.53 -11.54 2.94
C ASN B 158 -36.12 -12.73 2.06
N LYS B 159 -35.26 -12.47 1.08
CA LYS B 159 -34.91 -13.47 0.07
C LYS B 159 -33.50 -14.02 0.21
N LEU B 160 -32.76 -13.63 1.24
CA LEU B 160 -31.49 -14.29 1.53
C LEU B 160 -31.73 -15.70 2.05
N HIS B 161 -30.66 -16.50 2.05
CA HIS B 161 -30.79 -17.92 2.41
C HIS B 161 -31.12 -18.13 3.88
N VAL B 162 -30.70 -17.21 4.75
CA VAL B 162 -30.96 -17.34 6.18
C VAL B 162 -32.43 -17.09 6.46
N SER B 163 -32.88 -17.46 7.65
CA SER B 163 -34.29 -17.40 8.06
C SER B 163 -34.87 -15.99 7.92
N GLU B 164 -36.19 -15.93 7.69
CA GLU B 164 -36.88 -14.64 7.71
C GLU B 164 -36.65 -13.92 9.03
N ARG B 165 -36.59 -14.68 10.13
CA ARG B 165 -36.33 -14.08 11.44
C ARG B 165 -34.98 -13.36 11.49
N SER B 166 -33.94 -13.99 10.95
CA SER B 166 -32.65 -13.32 10.82
C SER B 166 -32.79 -11.96 10.12
N GLN B 167 -33.46 -11.95 8.97
CA GLN B 167 -33.46 -10.76 8.14
C GLN B 167 -34.34 -9.66 8.73
N ARG B 168 -35.40 -10.02 9.45
CA ARG B 168 -36.22 -9.01 10.10
C ARG B 168 -35.47 -8.36 11.27
N ILE B 169 -34.74 -9.16 12.07
CA ILE B 169 -34.02 -8.59 13.21
C ILE B 169 -32.95 -7.61 12.73
N VAL B 170 -32.18 -7.99 11.72
CA VAL B 170 -31.14 -7.11 11.21
C VAL B 170 -31.75 -5.84 10.63
N LYS B 171 -32.87 -5.96 9.90
CA LYS B 171 -33.50 -4.76 9.36
C LYS B 171 -33.97 -3.83 10.49
N GLN B 172 -34.40 -4.41 11.61
CA GLN B 172 -34.67 -3.60 12.79
C GLN B 172 -33.39 -2.92 13.28
N ALA B 173 -32.29 -3.66 13.41
CA ALA B 173 -31.05 -3.07 13.92
C ALA B 173 -30.53 -1.96 13.01
N MET B 174 -30.86 -2.02 11.72
CA MET B 174 -30.40 -1.02 10.77
C MET B 174 -31.11 0.32 10.92
N LEU B 175 -32.18 0.37 11.72
CA LEU B 175 -32.95 1.60 11.90
C LEU B 175 -32.04 2.74 12.34
N THR B 176 -32.15 3.87 11.64
CA THR B 176 -31.28 5.02 11.88
C THR B 176 -32.07 6.29 12.15
N GLU B 177 -33.18 6.51 11.43
CA GLU B 177 -33.92 7.76 11.48
C GLU B 177 -35.33 7.49 10.99
N ALA B 178 -36.32 8.11 11.64
CA ALA B 178 -37.70 7.96 11.20
C ALA B 178 -38.52 9.15 11.67
N ASN B 179 -39.46 9.59 10.84
CA ASN B 179 -40.38 10.67 11.16
C ASN B 179 -41.64 10.49 10.31
N GLY B 180 -42.45 11.56 10.21
CA GLY B 180 -43.67 11.47 9.43
C GLY B 180 -43.46 11.35 7.93
N ASP B 181 -42.25 11.59 7.44
CA ASP B 181 -42.00 11.58 6.00
C ASP B 181 -41.31 10.32 5.52
N TYR B 182 -40.41 9.73 6.30
CA TYR B 182 -39.62 8.62 5.79
C TYR B 182 -39.03 7.80 6.93
N ILE B 183 -38.56 6.61 6.57
CA ILE B 183 -37.75 5.75 7.40
C ILE B 183 -36.43 5.52 6.69
N ILE B 184 -35.33 5.62 7.43
CA ILE B 184 -34.00 5.32 6.90
C ILE B 184 -33.46 4.13 7.68
N ARG B 185 -33.31 2.99 7.00
CA ARG B 185 -32.53 1.87 7.49
C ARG B 185 -31.21 1.87 6.74
N ALA B 186 -30.10 1.91 7.47
CA ALA B 186 -28.82 2.07 6.82
C ALA B 186 -27.73 1.55 7.74
N LYS B 187 -26.51 1.48 7.20
CA LYS B 187 -25.33 1.15 7.99
C LYS B 187 -24.16 2.01 7.53
N THR B 188 -23.44 2.59 8.48
CA THR B 188 -22.25 3.37 8.16
C THR B 188 -21.02 2.48 8.13
N GLY B 189 -19.99 2.92 7.41
CA GLY B 189 -18.73 2.21 7.36
C GLY B 189 -17.57 3.18 7.16
N TYR B 190 -16.40 2.80 7.65
CA TYR B 190 -15.19 3.62 7.50
C TYR B 190 -14.00 2.69 7.27
N SER B 191 -13.53 2.63 6.03
CA SER B 191 -12.39 1.82 5.66
C SER B 191 -11.10 2.57 5.98
N THR B 192 -10.40 2.12 7.03
CA THR B 192 -9.26 2.85 7.56
C THR B 192 -7.91 2.17 7.40
N ARG B 193 -7.87 0.86 7.15
CA ARG B 193 -6.61 0.15 7.23
C ARG B 193 -5.87 0.06 5.90
N ILE B 194 -6.57 0.05 4.77
CA ILE B 194 -5.97 -0.07 3.46
C ILE B 194 -6.51 1.04 2.56
N GLU B 195 -5.64 1.57 1.70
CA GLU B 195 -5.94 2.71 0.84
C GLU B 195 -6.78 2.27 -0.35
N PRO B 196 -7.65 3.16 -0.86
CA PRO B 196 -7.88 4.50 -0.30
C PRO B 196 -8.89 4.48 0.86
N LYS B 197 -8.58 5.21 1.93
CA LYS B 197 -9.52 5.35 3.04
C LYS B 197 -10.81 5.96 2.54
N ILE B 198 -11.92 5.25 2.74
CA ILE B 198 -13.22 5.68 2.25
C ILE B 198 -14.25 5.54 3.35
N GLY B 199 -15.32 6.32 3.22
CA GLY B 199 -16.46 6.25 4.12
C GLY B 199 -17.67 5.73 3.37
N TRP B 200 -18.43 4.86 4.02
CA TRP B 200 -19.57 4.20 3.42
C TRP B 200 -20.86 4.67 4.08
N TRP B 201 -21.95 4.66 3.31
CA TRP B 201 -23.30 4.68 3.86
C TRP B 201 -24.19 3.94 2.89
N VAL B 202 -24.82 2.86 3.36
CA VAL B 202 -25.62 1.98 2.52
C VAL B 202 -26.91 1.67 3.25
N GLY B 203 -27.99 1.53 2.48
CA GLY B 203 -29.28 1.21 3.04
C GLY B 203 -30.44 1.59 2.15
N TRP B 204 -31.53 2.07 2.73
CA TRP B 204 -32.65 2.47 1.90
C TRP B 204 -33.53 3.45 2.67
N VAL B 205 -34.34 4.16 1.90
CA VAL B 205 -35.33 5.10 2.42
C VAL B 205 -36.69 4.51 2.15
N GLU B 206 -37.50 4.35 3.20
CA GLU B 206 -38.86 3.86 3.06
C GLU B 206 -39.80 5.06 3.06
N LEU B 207 -40.54 5.21 1.96
CA LEU B 207 -41.60 6.19 1.90
C LEU B 207 -42.95 5.46 2.01
N ASP B 208 -44.03 6.23 2.00
CA ASP B 208 -45.37 5.63 2.06
C ASP B 208 -45.61 4.69 0.88
N ASP B 209 -45.19 5.09 -0.32
CA ASP B 209 -45.56 4.42 -1.56
C ASP B 209 -44.41 3.69 -2.25
N ASN B 210 -43.17 3.91 -1.82
CA ASN B 210 -42.01 3.42 -2.54
C ASN B 210 -40.86 3.21 -1.56
N VAL B 211 -39.81 2.56 -2.03
CA VAL B 211 -38.55 2.42 -1.31
C VAL B 211 -37.41 2.81 -2.25
N TRP B 212 -36.47 3.61 -1.73
CA TRP B 212 -35.30 4.04 -2.49
C TRP B 212 -34.04 3.47 -1.83
N PHE B 213 -33.47 2.45 -2.46
CA PHE B 213 -32.21 1.91 -1.97
C PHE B 213 -31.07 2.86 -2.32
N PHE B 214 -30.08 2.95 -1.45
CA PHE B 214 -28.93 3.79 -1.70
C PHE B 214 -27.66 3.12 -1.20
N ALA B 215 -26.56 3.42 -1.89
CA ALA B 215 -25.22 3.00 -1.45
C ALA B 215 -24.26 4.08 -1.91
N MET B 216 -23.51 4.64 -0.97
CA MET B 216 -22.55 5.68 -1.29
C MET B 216 -21.23 5.38 -0.62
N ASN B 217 -20.14 5.80 -1.26
CA ASN B 217 -18.82 5.87 -0.65
C ASN B 217 -18.09 7.10 -1.17
N MET B 218 -17.14 7.58 -0.37
CA MET B 218 -16.40 8.79 -0.68
C MET B 218 -15.04 8.69 -0.01
N ASP B 219 -14.09 9.43 -0.55
CA ASP B 219 -12.75 9.50 0.05
C ASP B 219 -12.81 10.14 1.43
N MET B 220 -12.07 9.57 2.37
CA MET B 220 -12.12 9.98 3.78
C MET B 220 -10.73 9.90 4.36
N PRO B 221 -9.88 10.91 4.09
CA PRO B 221 -8.54 10.90 4.69
C PRO B 221 -8.58 11.02 6.21
N THR B 222 -9.58 11.69 6.77
CA THR B 222 -9.64 12.03 8.17
C THR B 222 -11.01 11.66 8.73
N SER B 223 -11.07 11.45 10.05
CA SER B 223 -12.36 11.21 10.69
C SER B 223 -13.19 12.47 10.78
N ASP B 224 -12.57 13.65 10.64
CA ASP B 224 -13.29 14.91 10.78
C ASP B 224 -14.49 15.01 9.84
N GLY B 225 -14.41 14.41 8.66
CA GLY B 225 -15.45 14.61 7.67
C GLY B 225 -16.48 13.51 7.55
N LEU B 226 -16.58 12.65 8.57
CA LEU B 226 -17.47 11.48 8.50
C LEU B 226 -18.93 11.90 8.39
N GLY B 227 -19.31 13.04 8.98
CA GLY B 227 -20.67 13.54 8.85
C GLY B 227 -21.09 13.85 7.43
N LEU B 228 -20.13 14.08 6.52
CA LEU B 228 -20.48 14.35 5.12
C LEU B 228 -21.16 13.16 4.45
N ARG B 229 -20.89 11.93 4.91
CA ARG B 229 -21.58 10.77 4.36
C ARG B 229 -23.09 10.98 4.36
N GLN B 230 -23.65 11.22 5.54
CA GLN B 230 -25.08 11.45 5.65
C GLN B 230 -25.49 12.76 5.02
N ALA B 231 -24.72 13.83 5.25
CA ALA B 231 -25.11 15.15 4.77
C ALA B 231 -25.21 15.19 3.25
N ILE B 232 -24.18 14.68 2.55
CA ILE B 232 -24.20 14.71 1.08
C ILE B 232 -25.30 13.81 0.55
N THR B 233 -25.48 12.65 1.17
CA THR B 233 -26.53 11.74 0.73
C THR B 233 -27.90 12.40 0.84
N LYS B 234 -28.16 13.12 1.93
CA LYS B 234 -29.49 13.70 2.10
C LYS B 234 -29.73 14.82 1.11
N GLU B 235 -28.71 15.63 0.81
CA GLU B 235 -28.86 16.66 -0.21
C GLU B 235 -29.24 16.05 -1.55
N VAL B 236 -28.59 14.95 -1.93
CA VAL B 236 -28.95 14.25 -3.16
C VAL B 236 -30.41 13.79 -3.10
N LEU B 237 -30.82 13.21 -1.96
CA LEU B 237 -32.21 12.83 -1.81
C LEU B 237 -33.14 14.03 -1.92
N LYS B 238 -32.66 15.23 -1.54
CA LYS B 238 -33.48 16.42 -1.64
C LYS B 238 -33.53 16.94 -3.08
N GLN B 239 -32.40 16.85 -3.80
CA GLN B 239 -32.41 17.24 -5.20
C GLN B 239 -33.41 16.42 -5.99
N GLU B 240 -33.55 15.14 -5.65
CA GLU B 240 -34.46 14.25 -6.35
C GLU B 240 -35.85 14.26 -5.74
N LYS B 241 -36.12 15.15 -4.78
CA LYS B 241 -37.43 15.31 -4.17
C LYS B 241 -37.94 14.01 -3.53
N ILE B 242 -37.02 13.19 -3.02
CA ILE B 242 -37.37 11.95 -2.32
C ILE B 242 -37.72 12.23 -0.87
N ILE B 243 -36.97 13.11 -0.22
CA ILE B 243 -37.26 13.55 1.14
C ILE B 243 -37.47 15.05 1.11
N PRO B 244 -38.21 15.62 2.08
CA PRO B 244 -38.45 17.07 2.01
C PRO B 244 -37.24 17.88 2.47
N MET C 3 28.85 7.33 19.92
CA MET C 3 27.86 6.37 20.38
C MET C 3 27.67 5.28 19.31
N TRP C 4 27.93 5.64 18.05
CA TRP C 4 27.90 4.68 16.95
C TRP C 4 29.12 4.96 16.08
N GLN C 5 29.96 3.95 15.84
CA GLN C 5 31.13 4.15 15.01
C GLN C 5 31.21 3.04 13.97
N GLU C 6 31.47 3.43 12.73
CA GLU C 6 31.58 2.50 11.61
C GLU C 6 33.03 2.11 11.42
N ASN C 7 33.28 0.81 11.26
CA ASN C 7 34.61 0.34 10.83
C ASN C 7 34.37 -0.76 9.80
N LYS C 8 34.63 -0.45 8.52
CA LYS C 8 34.46 -1.39 7.39
C LYS C 8 35.60 -2.39 7.32
N SER C 9 36.42 -2.49 8.37
CA SER C 9 37.40 -3.57 8.44
C SER C 9 36.73 -4.94 8.36
N TRP C 10 35.54 -5.07 8.97
CA TRP C 10 34.89 -6.38 9.04
C TRP C 10 34.33 -6.84 7.71
N ASN C 11 34.21 -5.94 6.71
CA ASN C 11 33.66 -6.35 5.42
C ASN C 11 34.50 -7.41 4.75
N ALA C 12 35.76 -7.59 5.17
CA ALA C 12 36.58 -8.65 4.63
C ALA C 12 35.99 -10.03 4.92
N HIS C 13 35.28 -10.17 6.05
CA HIS C 13 34.67 -11.46 6.39
C HIS C 13 33.52 -11.79 5.45
N PHE C 14 32.74 -10.77 5.08
CA PHE C 14 31.75 -10.96 4.01
C PHE C 14 32.42 -11.15 2.67
N THR C 15 33.53 -10.44 2.44
CA THR C 15 34.22 -10.46 1.14
C THR C 15 34.80 -11.84 0.85
N GLU C 16 35.39 -12.49 1.86
CA GLU C 16 36.00 -13.80 1.64
C GLU C 16 34.98 -14.81 1.11
N HIS C 17 33.76 -14.81 1.67
CA HIS C 17 32.73 -15.81 1.36
C HIS C 17 31.74 -15.37 0.31
N LYS C 18 32.08 -14.37 -0.51
CA LYS C 18 31.32 -13.94 -1.69
C LYS C 18 29.93 -13.46 -1.30
N SER C 19 29.88 -12.68 -0.22
CA SER C 19 28.62 -12.33 0.42
C SER C 19 28.65 -10.89 0.89
N GLN C 20 27.44 -10.39 1.19
CA GLN C 20 27.24 -9.02 1.66
C GLN C 20 26.17 -8.98 2.74
N GLY C 21 26.40 -8.08 3.70
CA GLY C 21 25.50 -7.93 4.81
C GLY C 21 26.07 -6.99 5.85
N VAL C 22 25.40 -6.97 7.00
CA VAL C 22 25.75 -6.07 8.09
C VAL C 22 25.88 -6.88 9.38
N VAL C 23 26.85 -6.49 10.20
CA VAL C 23 26.97 -6.97 11.56
C VAL C 23 27.00 -5.75 12.46
N VAL C 24 26.10 -5.70 13.44
CA VAL C 24 26.06 -4.62 14.41
C VAL C 24 26.35 -5.19 15.78
N LEU C 25 27.31 -4.59 16.48
CA LEU C 25 27.68 -4.96 17.84
C LEU C 25 27.33 -3.81 18.78
N TRP C 26 26.83 -4.13 19.96
CA TRP C 26 26.57 -3.12 20.99
C TRP C 26 27.24 -3.56 22.29
N ASN C 27 28.17 -2.73 22.79
CA ASN C 27 28.86 -2.94 24.07
C ASN C 27 27.99 -2.37 25.18
N GLU C 28 27.39 -3.24 26.00
CA GLU C 28 26.47 -2.77 27.02
C GLU C 28 27.16 -1.98 28.12
N ASN C 29 28.39 -2.37 28.50
CA ASN C 29 29.06 -1.69 29.60
C ASN C 29 29.37 -0.24 29.23
N LYS C 30 29.92 -0.04 28.04
CA LYS C 30 30.36 1.28 27.60
C LYS C 30 29.28 2.03 26.81
N GLN C 31 28.16 1.38 26.50
CA GLN C 31 27.10 1.98 25.68
C GLN C 31 27.68 2.49 24.36
N GLN C 32 28.35 1.60 23.64
CA GLN C 32 29.03 1.96 22.40
C GLN C 32 28.62 0.99 21.30
N GLY C 33 28.35 1.53 20.11
CA GLY C 33 27.87 0.76 18.98
C GLY C 33 28.92 0.65 17.88
N PHE C 34 29.01 -0.53 17.30
CA PHE C 34 29.99 -0.83 16.27
C PHE C 34 29.31 -1.56 15.13
N THR C 35 29.62 -1.15 13.90
CA THR C 35 29.07 -1.83 12.75
C THR C 35 29.98 -1.58 11.56
N ASN C 36 29.87 -2.46 10.58
CA ASN C 36 30.62 -2.33 9.35
C ASN C 36 29.91 -1.50 8.28
N ASN C 37 28.67 -1.06 8.52
CA ASN C 37 27.86 -0.43 7.49
C ASN C 37 26.62 0.21 8.12
N LEU C 38 26.75 1.46 8.55
CA LEU C 38 25.65 2.12 9.25
C LEU C 38 24.38 2.26 8.39
N LYS C 39 24.49 2.37 7.07
CA LYS C 39 23.29 2.50 6.25
C LYS C 39 22.45 1.22 6.28
N ARG C 40 23.07 0.09 5.94
CA ARG C 40 22.36 -1.18 6.04
C ARG C 40 22.00 -1.53 7.49
N ALA C 41 22.80 -1.06 8.46
CA ALA C 41 22.49 -1.29 9.87
C ALA C 41 21.11 -0.78 10.24
N ASN C 42 20.64 0.28 9.57
CA ASN C 42 19.32 0.84 9.83
C ASN C 42 18.32 0.48 8.74
N GLN C 43 18.69 -0.42 7.82
CA GLN C 43 17.76 -0.91 6.82
C GLN C 43 16.83 -1.94 7.44
N ALA C 44 15.53 -1.79 7.21
CA ALA C 44 14.52 -2.64 7.82
C ALA C 44 14.10 -3.73 6.84
N PHE C 45 14.22 -5.00 7.26
CA PHE C 45 13.78 -6.14 6.47
C PHE C 45 12.66 -6.89 7.20
N LEU C 46 12.10 -7.88 6.51
CA LEU C 46 11.23 -8.83 7.18
C LEU C 46 12.01 -9.53 8.30
N PRO C 47 11.48 -9.58 9.53
CA PRO C 47 12.21 -10.28 10.60
C PRO C 47 12.34 -11.77 10.36
N ALA C 48 11.48 -12.36 9.52
CA ALA C 48 11.45 -13.81 9.31
C ALA C 48 11.40 -14.51 10.67
N SER C 49 12.08 -15.65 10.81
CA SER C 49 11.94 -16.45 12.01
C SER C 49 12.48 -15.79 13.28
N THR C 50 13.17 -14.63 13.17
CA THR C 50 13.55 -13.91 14.39
C THR C 50 12.33 -13.32 15.09
N PHE C 51 11.19 -13.23 14.42
CA PHE C 51 9.97 -12.82 15.07
C PHE C 51 9.51 -13.85 16.12
N KCX C 52 10.15 -15.00 16.19
CA KCX C 52 9.74 -16.00 17.16
CB KCX C 52 10.39 -17.36 16.88
CG KCX C 52 9.74 -18.10 15.70
CD KCX C 52 10.31 -19.49 15.43
CE KCX C 52 9.52 -20.19 14.31
NZ KCX C 52 9.73 -19.50 12.99
C KCX C 52 10.06 -15.51 18.56
O KCX C 52 9.46 -15.96 19.53
CX KCX C 52 8.81 -18.70 12.44
OQ1 KCX C 52 9.05 -18.14 11.36
OQ2 KCX C 52 7.72 -18.51 13.01
N ILE C 53 10.98 -14.55 18.67
CA ILE C 53 11.27 -13.96 19.97
C ILE C 53 10.04 -13.18 20.47
N PRO C 54 9.61 -12.10 19.80
CA PRO C 54 8.42 -11.39 20.31
C PRO C 54 7.17 -12.25 20.29
N ASN C 55 7.06 -13.18 19.33
CA ASN C 55 5.91 -14.05 19.26
C ASN C 55 5.76 -14.88 20.53
N SER C 56 6.84 -15.54 20.98
CA SER C 56 6.69 -16.38 22.16
C SER C 56 6.50 -15.54 23.41
N LEU C 57 7.05 -14.33 23.45
CA LEU C 57 6.73 -13.42 24.55
C LEU C 57 5.24 -13.19 24.64
N ILE C 58 4.61 -12.77 23.52
CA ILE C 58 3.17 -12.54 23.52
C ILE C 58 2.40 -13.82 23.86
N ALA C 59 2.76 -14.93 23.20
CA ALA C 59 2.05 -16.19 23.45
C ALA C 59 2.15 -16.61 24.91
N LEU C 60 3.29 -16.34 25.56
CA LEU C 60 3.45 -16.72 26.96
C LEU C 60 2.70 -15.78 27.88
N ASP C 61 2.76 -14.47 27.62
CA ASP C 61 2.06 -13.55 28.51
C ASP C 61 0.56 -13.65 28.39
N LEU C 62 0.03 -14.18 27.28
CA LEU C 62 -1.40 -14.31 27.12
C LEU C 62 -1.94 -15.65 27.57
N GLY C 63 -1.06 -16.60 27.90
CA GLY C 63 -1.51 -17.91 28.27
C GLY C 63 -1.77 -18.83 27.09
N VAL C 64 -1.46 -18.41 25.87
CA VAL C 64 -1.51 -19.31 24.72
C VAL C 64 -0.56 -20.47 24.95
N VAL C 65 0.63 -20.18 25.48
CA VAL C 65 1.63 -21.18 25.83
C VAL C 65 1.76 -21.17 27.34
N LYS C 66 1.52 -22.31 27.99
CA LYS C 66 1.53 -22.37 29.45
C LYS C 66 2.93 -22.22 30.01
N ASP C 67 3.91 -22.91 29.42
CA ASP C 67 5.30 -22.84 29.84
C ASP C 67 6.17 -23.51 28.78
N GLU C 68 7.48 -23.51 29.01
CA GLU C 68 8.44 -24.06 28.05
C GLU C 68 8.34 -25.57 27.92
N HIS C 69 7.54 -26.24 28.77
CA HIS C 69 7.42 -27.69 28.75
C HIS C 69 6.20 -28.19 27.99
N GLN C 70 5.20 -27.33 27.74
CA GLN C 70 3.99 -27.75 27.04
C GLN C 70 4.34 -28.34 25.67
N VAL C 71 3.75 -29.49 25.37
CA VAL C 71 4.05 -30.22 24.14
C VAL C 71 3.03 -29.84 23.08
N PHE C 72 3.51 -29.57 21.88
CA PHE C 72 2.65 -29.24 20.75
C PHE C 72 2.75 -30.37 19.74
N LYS C 73 1.68 -31.15 19.64
CA LYS C 73 1.70 -32.33 18.78
C LYS C 73 1.76 -31.94 17.31
N TRP C 74 2.54 -32.71 16.56
CA TRP C 74 2.62 -32.55 15.12
C TRP C 74 1.25 -32.81 14.49
N ASP C 75 0.89 -32.00 13.50
CA ASP C 75 -0.43 -32.12 12.90
C ASP C 75 -0.50 -33.18 11.81
N GLY C 76 0.55 -33.98 11.65
CA GLY C 76 0.54 -35.09 10.71
C GLY C 76 0.86 -34.74 9.27
N GLN C 77 0.91 -33.47 8.91
CA GLN C 77 1.25 -33.07 7.55
C GLN C 77 2.78 -33.11 7.41
N THR C 78 3.28 -34.03 6.59
CA THR C 78 4.72 -34.18 6.41
C THR C 78 5.25 -33.02 5.56
N ARG C 79 6.14 -32.22 6.14
CA ARG C 79 6.70 -31.05 5.48
C ARG C 79 8.18 -31.29 5.17
N ASP C 80 8.76 -30.35 4.44
CA ASP C 80 10.05 -30.57 3.78
C ASP C 80 11.26 -30.45 4.71
N ILE C 81 11.08 -29.99 5.94
CA ILE C 81 12.16 -29.94 6.91
C ILE C 81 11.90 -31.02 7.96
N ALA C 82 12.80 -32.00 8.05
CA ALA C 82 12.53 -33.21 8.82
C ALA C 82 12.26 -32.91 10.29
N THR C 83 12.97 -31.91 10.85
CA THR C 83 12.78 -31.56 12.24
C THR C 83 11.39 -30.98 12.52
N TRP C 84 10.67 -30.53 11.50
CA TRP C 84 9.32 -30.01 11.70
C TRP C 84 8.29 -31.11 11.91
N ASN C 85 8.56 -32.32 11.44
CA ASN C 85 7.56 -33.39 11.42
C ASN C 85 7.60 -34.24 12.69
N ARG C 86 7.63 -33.57 13.84
CA ARG C 86 7.59 -34.26 15.12
C ARG C 86 7.00 -33.31 16.16
N ASP C 87 6.84 -33.82 17.38
CA ASP C 87 6.28 -32.99 18.43
C ASP C 87 7.35 -32.03 18.97
N HIS C 88 6.89 -30.88 19.46
CA HIS C 88 7.79 -29.82 19.89
C HIS C 88 7.25 -29.15 21.14
N ASN C 89 8.18 -28.67 21.97
CA ASN C 89 7.88 -27.72 23.03
C ASN C 89 8.42 -26.37 22.59
N LEU C 90 8.37 -25.38 23.48
CA LEU C 90 8.80 -24.04 23.10
C LEU C 90 10.27 -24.00 22.76
N ILE C 91 11.10 -24.71 23.54
CA ILE C 91 12.54 -24.68 23.32
C ILE C 91 12.91 -25.25 21.96
N THR C 92 12.34 -26.41 21.62
CA THR C 92 12.72 -27.04 20.36
C THR C 92 12.04 -26.37 19.17
N ALA C 93 10.81 -25.86 19.35
CA ALA C 93 10.16 -25.11 18.29
C ALA C 93 10.98 -23.89 17.88
N MET C 94 11.71 -23.29 18.82
CA MET C 94 12.55 -22.15 18.49
C MET C 94 13.86 -22.60 17.86
N LYS C 95 14.50 -23.63 18.42
CA LYS C 95 15.78 -24.11 17.89
C LYS C 95 15.68 -24.51 16.42
N TYR C 96 14.58 -25.16 16.03
CA TYR C 96 14.42 -25.67 14.68
C TYR C 96 13.54 -24.76 13.80
N SER C 97 13.16 -23.57 14.30
CA SER C 97 12.35 -22.61 13.56
C SER C 97 11.08 -23.27 13.01
N VAL C 98 10.34 -23.95 13.87
CA VAL C 98 9.16 -24.71 13.46
C VAL C 98 8.02 -23.72 13.18
N VAL C 99 7.86 -23.35 11.91
CA VAL C 99 6.88 -22.32 11.53
C VAL C 99 5.44 -22.71 11.89
N PRO C 100 4.94 -23.91 11.58
CA PRO C 100 3.51 -24.17 11.88
C PRO C 100 3.17 -24.12 13.36
N VAL C 101 4.11 -24.44 14.25
CA VAL C 101 3.82 -24.31 15.67
C VAL C 101 3.57 -22.84 16.01
N TYR C 102 4.48 -21.96 15.58
CA TYR C 102 4.31 -20.53 15.84
C TYR C 102 3.15 -19.93 15.05
N GLN C 103 2.81 -20.51 13.89
CA GLN C 103 1.64 -20.03 13.15
C GLN C 103 0.37 -20.26 13.94
N GLU C 104 0.32 -21.34 14.71
CA GLU C 104 -0.83 -21.59 15.58
C GLU C 104 -0.84 -20.61 16.75
N PHE C 105 0.31 -20.35 17.36
CA PHE C 105 0.40 -19.33 18.40
C PHE C 105 -0.20 -18.02 17.92
N ALA C 106 0.24 -17.56 16.74
CA ALA C 106 -0.23 -16.29 16.19
C ALA C 106 -1.73 -16.29 15.99
N ARG C 107 -2.25 -17.35 15.37
CA ARG C 107 -3.70 -17.42 15.15
C ARG C 107 -4.48 -17.22 16.44
N GLN C 108 -3.98 -17.77 17.55
CA GLN C 108 -4.71 -17.66 18.81
C GLN C 108 -4.39 -16.38 19.56
N ILE C 109 -3.27 -15.75 19.26
CA ILE C 109 -3.05 -14.40 19.76
C ILE C 109 -4.07 -13.44 19.13
N GLY C 110 -4.33 -13.57 17.84
CA GLY C 110 -5.21 -12.66 17.14
C GLY C 110 -4.53 -11.36 16.74
N GLU C 111 -5.09 -10.72 15.71
CA GLU C 111 -4.50 -9.50 15.17
C GLU C 111 -4.63 -8.34 16.14
N ALA C 112 -5.77 -8.21 16.82
CA ALA C 112 -5.97 -7.09 17.73
C ALA C 112 -4.92 -7.08 18.84
N ARG C 113 -4.68 -8.23 19.48
CA ARG C 113 -3.69 -8.26 20.54
C ARG C 113 -2.27 -8.28 20.01
N MET C 114 -2.04 -8.93 18.85
CA MET C 114 -0.70 -8.92 18.26
C MET C 114 -0.26 -7.51 17.94
N SER C 115 -1.17 -6.73 17.35
CA SER C 115 -0.87 -5.36 16.96
C SER C 115 -0.63 -4.46 18.16
N LYS C 116 -1.44 -4.62 19.21
CA LYS C 116 -1.25 -3.82 20.43
C LYS C 116 0.07 -4.15 21.11
N MET C 117 0.49 -5.42 21.08
CA MET C 117 1.71 -5.83 21.77
C MET C 117 2.96 -5.36 21.03
N LEU C 118 2.93 -5.34 19.69
CA LEU C 118 4.09 -4.84 18.95
C LEU C 118 4.23 -3.33 19.09
N HIS C 119 3.12 -2.59 19.28
CA HIS C 119 3.27 -1.18 19.62
C HIS C 119 3.82 -1.02 21.03
N ALA C 120 3.42 -1.90 21.95
CA ALA C 120 4.01 -1.87 23.29
C ALA C 120 5.50 -2.19 23.25
N PHE C 121 5.90 -3.16 22.42
CA PHE C 121 7.30 -3.54 22.31
C PHE C 121 8.13 -2.54 21.53
N ASP C 122 7.51 -1.57 20.85
CA ASP C 122 8.25 -0.64 19.99
C ASP C 122 8.96 -1.39 18.85
N TYR C 123 8.34 -2.47 18.36
CA TYR C 123 9.02 -3.44 17.50
C TYR C 123 8.96 -3.01 16.04
N GLY C 124 10.11 -2.54 15.52
CA GLY C 124 10.18 -2.20 14.10
C GLY C 124 9.13 -1.19 13.70
N ASN C 125 8.51 -1.40 12.54
CA ASN C 125 7.45 -0.52 12.08
C ASN C 125 6.08 -0.91 12.64
N GLU C 126 6.03 -1.96 13.47
CA GLU C 126 4.82 -2.32 14.24
C GLU C 126 3.62 -2.56 13.33
N ASP C 127 3.85 -3.14 12.15
CA ASP C 127 2.79 -3.32 11.17
C ASP C 127 2.56 -4.80 10.94
N ILE C 128 1.34 -5.27 11.14
CA ILE C 128 1.04 -6.69 10.96
C ILE C 128 0.15 -6.93 9.76
N SER C 129 0.31 -6.13 8.71
CA SER C 129 -0.46 -6.34 7.49
C SER C 129 -0.13 -7.68 6.86
N GLY C 130 -1.13 -8.28 6.23
CA GLY C 130 -1.06 -9.65 5.80
C GLY C 130 -1.88 -10.52 6.72
N ASN C 131 -1.63 -11.82 6.63
CA ASN C 131 -2.25 -12.74 7.56
C ASN C 131 -1.57 -12.66 8.91
N VAL C 132 -2.36 -12.85 9.97
CA VAL C 132 -1.80 -12.83 11.31
C VAL C 132 -0.85 -14.00 11.55
N ASP C 133 -0.93 -15.05 10.74
CA ASP C 133 -0.07 -16.21 10.91
C ASP C 133 1.01 -16.30 9.84
N SER C 134 1.37 -15.19 9.18
CA SER C 134 2.46 -15.24 8.22
C SER C 134 3.09 -13.89 7.95
N PHE C 135 2.69 -12.86 8.71
CA PHE C 135 3.11 -11.51 8.36
C PHE C 135 4.61 -11.31 8.56
N TRP C 136 5.23 -12.10 9.45
CA TRP C 136 6.68 -11.98 9.62
C TRP C 136 7.44 -12.65 8.49
N LEU C 137 6.76 -13.48 7.69
CA LEU C 137 7.35 -14.10 6.52
C LEU C 137 7.02 -13.38 5.22
N ASP C 138 5.78 -12.92 5.04
CA ASP C 138 5.36 -12.32 3.77
C ASP C 138 4.37 -11.17 3.97
N GLY C 139 4.47 -10.45 5.08
CA GLY C 139 3.54 -9.37 5.36
C GLY C 139 4.20 -8.01 5.41
N GLY C 140 3.65 -7.11 6.23
CA GLY C 140 4.10 -5.72 6.25
C GLY C 140 5.15 -5.37 7.29
N ILE C 141 5.45 -6.28 8.21
CA ILE C 141 6.35 -5.97 9.32
C ILE C 141 7.77 -5.77 8.80
N ARG C 142 8.46 -4.77 9.34
CA ARG C 142 9.83 -4.45 8.96
C ARG C 142 10.61 -4.06 10.21
N ILE C 143 11.82 -4.57 10.33
CA ILE C 143 12.68 -4.23 11.46
C ILE C 143 14.12 -4.10 10.97
N SER C 144 14.85 -3.13 11.53
CA SER C 144 16.26 -2.93 11.22
C SER C 144 17.13 -3.63 12.24
N ALA C 145 18.39 -3.87 11.86
CA ALA C 145 19.33 -4.53 12.77
C ALA C 145 19.55 -3.72 14.04
N THR C 146 19.59 -2.38 13.95
CA THR C 146 19.72 -1.57 15.16
C THR C 146 18.44 -1.62 15.98
N GLU C 147 17.28 -1.65 15.31
CA GLU C 147 16.01 -1.82 16.01
C GLU C 147 15.93 -3.17 16.71
N GLN C 148 16.52 -4.22 16.12
CA GLN C 148 16.65 -5.50 16.81
C GLN C 148 17.49 -5.37 18.07
N ILE C 149 18.61 -4.64 17.99
CA ILE C 149 19.43 -4.42 19.19
C ILE C 149 18.61 -3.70 20.25
N SER C 150 17.83 -2.70 19.83
CA SER C 150 17.00 -1.99 20.79
C SER C 150 16.00 -2.93 21.45
N PHE C 151 15.37 -3.81 20.66
CA PHE C 151 14.44 -4.76 21.22
C PHE C 151 15.15 -5.73 22.17
N LEU C 152 16.26 -6.31 21.73
CA LEU C 152 16.99 -7.29 22.54
C LEU C 152 17.49 -6.67 23.85
N ARG C 153 17.85 -5.39 23.85
CA ARG C 153 18.35 -4.77 25.08
C ARG C 153 17.25 -4.72 26.16
N LYS C 154 16.03 -4.33 25.76
CA LYS C 154 14.92 -4.29 26.71
C LYS C 154 14.58 -5.68 27.23
N LEU C 155 14.61 -6.68 26.35
CA LEU C 155 14.42 -8.07 26.76
C LEU C 155 15.46 -8.48 27.79
N TYR C 156 16.73 -8.19 27.50
CA TYR C 156 17.79 -8.55 28.43
C TYR C 156 17.56 -7.94 29.80
N HIS C 157 17.08 -6.69 29.85
CA HIS C 157 16.87 -5.95 31.09
C HIS C 157 15.47 -6.13 31.68
N ASN C 158 14.66 -7.03 31.10
CA ASN C 158 13.30 -7.30 31.58
C ASN C 158 12.42 -6.06 31.56
N LYS C 159 12.66 -5.15 30.60
CA LYS C 159 11.91 -3.89 30.55
C LYS C 159 10.84 -3.87 29.46
N LEU C 160 10.66 -4.97 28.71
CA LEU C 160 9.56 -5.02 27.76
C LEU C 160 8.24 -5.06 28.50
N HIS C 161 7.16 -4.78 27.78
CA HIS C 161 5.84 -4.71 28.39
C HIS C 161 5.19 -6.10 28.44
N VAL C 162 5.88 -7.01 29.13
CA VAL C 162 5.35 -8.31 29.52
C VAL C 162 5.86 -8.63 30.90
N SER C 163 5.38 -9.74 31.46
CA SER C 163 5.83 -10.11 32.79
C SER C 163 7.30 -10.50 32.76
N GLU C 164 7.93 -10.41 33.93
CA GLU C 164 9.30 -10.87 34.02
C GLU C 164 9.38 -12.34 33.63
N ARG C 165 8.38 -13.13 34.03
CA ARG C 165 8.41 -14.56 33.79
C ARG C 165 8.45 -14.87 32.29
N SER C 166 7.60 -14.21 31.50
CA SER C 166 7.67 -14.39 30.05
C SER C 166 9.07 -14.09 29.53
N GLN C 167 9.63 -12.95 29.94
CA GLN C 167 10.95 -12.57 29.44
C GLN C 167 12.02 -13.58 29.84
N ARG C 168 11.95 -14.13 31.07
CA ARG C 168 12.94 -15.12 31.49
C ARG C 168 12.81 -16.42 30.70
N ILE C 169 11.57 -16.86 30.43
CA ILE C 169 11.37 -18.09 29.68
C ILE C 169 11.93 -17.95 28.25
N VAL C 170 11.66 -16.82 27.59
CA VAL C 170 12.13 -16.66 26.22
C VAL C 170 13.65 -16.57 26.16
N LYS C 171 14.27 -15.87 27.11
CA LYS C 171 15.73 -15.79 27.13
C LYS C 171 16.34 -17.17 27.36
N GLN C 172 15.65 -18.02 28.15
CA GLN C 172 16.07 -19.41 28.25
C GLN C 172 15.89 -20.15 26.91
N ALA C 173 14.74 -19.97 26.25
CA ALA C 173 14.54 -20.62 24.95
C ALA C 173 15.54 -20.16 23.90
N MET C 174 16.10 -18.95 24.06
CA MET C 174 17.07 -18.43 23.10
C MET C 174 18.44 -19.08 23.21
N LEU C 175 18.65 -19.94 24.21
CA LEU C 175 19.99 -20.48 24.45
C LEU C 175 20.49 -21.26 23.23
N THR C 176 21.66 -20.88 22.76
CA THR C 176 22.26 -21.47 21.57
C THR C 176 23.58 -22.18 21.85
N GLU C 177 24.46 -21.57 22.66
CA GLU C 177 25.79 -22.11 22.88
C GLU C 177 26.29 -21.60 24.22
N ALA C 178 27.20 -22.36 24.85
CA ALA C 178 27.72 -21.99 26.16
C ALA C 178 28.89 -22.88 26.58
N ASN C 179 29.99 -22.25 27.00
CA ASN C 179 31.16 -22.96 27.53
C ASN C 179 31.78 -22.07 28.60
N GLY C 180 32.99 -22.42 29.02
CA GLY C 180 33.65 -21.67 30.08
C GLY C 180 33.93 -20.23 29.74
N ASP C 181 33.80 -19.85 28.46
CA ASP C 181 34.17 -18.52 28.02
C ASP C 181 32.98 -17.60 27.75
N TYR C 182 31.81 -18.12 27.39
CA TYR C 182 30.71 -17.22 27.05
C TYR C 182 29.40 -18.01 26.97
N ILE C 183 28.31 -17.25 26.87
CA ILE C 183 26.98 -17.76 26.56
C ILE C 183 26.45 -16.96 25.37
N ILE C 184 25.82 -17.65 24.42
CA ILE C 184 25.13 -16.98 23.33
C ILE C 184 23.66 -17.35 23.36
N ARG C 185 22.81 -16.34 23.53
CA ARG C 185 21.38 -16.45 23.31
C ARG C 185 21.08 -15.73 22.01
N ALA C 186 20.44 -16.41 21.08
CA ALA C 186 20.21 -15.83 19.75
C ALA C 186 19.05 -16.54 19.06
N LYS C 187 18.68 -15.99 17.91
CA LYS C 187 17.65 -16.56 17.06
C LYS C 187 18.05 -16.41 15.60
N THR C 188 17.97 -17.51 14.85
CA THR C 188 18.26 -17.47 13.42
C THR C 188 17.01 -17.07 12.63
N GLY C 189 17.23 -16.55 11.43
CA GLY C 189 16.15 -16.21 10.54
C GLY C 189 16.48 -16.33 9.06
N TYR C 190 15.56 -16.86 8.26
CA TYR C 190 15.74 -17.00 6.82
C TYR C 190 14.47 -16.51 6.13
N SER C 191 14.53 -15.29 5.58
CA SER C 191 13.41 -14.69 4.86
C SER C 191 13.38 -15.26 3.44
N THR C 192 12.38 -16.10 3.17
CA THR C 192 12.33 -16.90 1.95
C THR C 192 11.22 -16.54 0.98
N ARG C 193 10.18 -15.81 1.42
CA ARG C 193 8.99 -15.65 0.60
C ARG C 193 8.94 -14.33 -0.17
N ILE C 194 9.65 -13.30 0.28
CA ILE C 194 9.67 -12.00 -0.40
C ILE C 194 11.13 -11.56 -0.54
N GLU C 195 11.49 -11.10 -1.73
CA GLU C 195 12.83 -10.60 -1.99
C GLU C 195 13.03 -9.25 -1.30
N PRO C 196 14.27 -8.93 -0.87
CA PRO C 196 15.48 -9.77 -0.99
C PRO C 196 15.55 -10.91 0.04
N LYS C 197 15.90 -12.11 -0.45
CA LYS C 197 16.15 -13.23 0.45
C LYS C 197 17.35 -12.90 1.35
N ILE C 198 17.12 -12.86 2.66
CA ILE C 198 18.22 -12.56 3.58
C ILE C 198 18.18 -13.54 4.74
N GLY C 199 19.34 -13.73 5.36
CA GLY C 199 19.47 -14.50 6.58
C GLY C 199 19.70 -13.55 7.75
N TRP C 200 19.10 -13.87 8.89
CA TRP C 200 19.26 -13.10 10.11
C TRP C 200 20.01 -13.91 11.16
N TRP C 201 20.69 -13.20 12.07
CA TRP C 201 21.12 -13.80 13.34
C TRP C 201 21.23 -12.67 14.36
N VAL C 202 20.35 -12.68 15.36
CA VAL C 202 20.28 -11.65 16.37
C VAL C 202 20.34 -12.31 17.75
N GLY C 203 20.92 -11.60 18.69
CA GLY C 203 21.06 -12.13 20.04
C GLY C 203 22.14 -11.36 20.80
N TRP C 204 22.75 -12.05 21.77
CA TRP C 204 23.84 -11.43 22.49
C TRP C 204 24.79 -12.49 23.04
N VAL C 205 25.98 -12.04 23.42
CA VAL C 205 27.03 -12.87 23.99
C VAL C 205 27.24 -12.43 25.43
N GLU C 206 27.02 -13.32 26.38
CA GLU C 206 27.22 -12.99 27.79
C GLU C 206 28.64 -13.39 28.20
N LEU C 207 29.39 -12.44 28.73
CA LEU C 207 30.73 -12.70 29.26
C LEU C 207 30.72 -12.51 30.77
N ASP C 208 31.88 -12.76 31.38
CA ASP C 208 31.98 -12.75 32.84
C ASP C 208 31.49 -11.43 33.44
N ASP C 209 31.91 -10.29 32.88
CA ASP C 209 31.39 -8.99 33.34
C ASP C 209 31.23 -8.04 32.15
N ASN C 210 30.48 -8.50 31.14
CA ASN C 210 29.99 -7.67 30.06
C ASN C 210 28.98 -8.51 29.29
N VAL C 211 28.21 -7.85 28.43
CA VAL C 211 27.37 -8.52 27.44
C VAL C 211 27.44 -7.73 26.15
N TRP C 212 27.55 -8.42 25.02
CA TRP C 212 27.65 -7.81 23.70
C TRP C 212 26.42 -8.18 22.89
N PHE C 213 25.54 -7.21 22.64
CA PHE C 213 24.42 -7.47 21.75
C PHE C 213 24.90 -7.47 20.30
N PHE C 214 24.34 -8.37 19.49
CA PHE C 214 24.63 -8.39 18.08
C PHE C 214 23.34 -8.58 17.27
N ALA C 215 23.35 -8.02 16.06
CA ALA C 215 22.28 -8.26 15.09
C ALA C 215 22.94 -8.24 13.73
N MET C 216 22.81 -9.33 12.98
CA MET C 216 23.37 -9.36 11.64
C MET C 216 22.30 -9.83 10.66
N ASN C 217 22.38 -9.31 9.44
CA ASN C 217 21.67 -9.90 8.31
C ASN C 217 22.59 -9.89 7.10
N MET C 218 22.29 -10.76 6.15
CA MET C 218 23.13 -10.89 4.96
C MET C 218 22.27 -11.43 3.83
N ASP C 219 22.72 -11.19 2.60
CA ASP C 219 22.00 -11.70 1.44
C ASP C 219 22.14 -13.21 1.36
N MET C 220 21.02 -13.90 1.12
CA MET C 220 20.94 -15.36 1.13
C MET C 220 20.21 -15.88 -0.11
N PRO C 221 20.84 -15.81 -1.29
CA PRO C 221 20.16 -16.28 -2.51
C PRO C 221 19.94 -17.78 -2.56
N THR C 222 20.72 -18.57 -1.81
CA THR C 222 20.57 -20.00 -1.75
C THR C 222 20.60 -20.43 -0.30
N SER C 223 20.05 -21.62 -0.03
CA SER C 223 20.07 -22.12 1.34
C SER C 223 21.44 -22.68 1.74
N ASP C 224 22.30 -22.95 0.76
CA ASP C 224 23.62 -23.49 1.04
C ASP C 224 24.49 -22.52 1.83
N GLY C 225 24.16 -21.24 1.86
CA GLY C 225 24.93 -20.27 2.62
C GLY C 225 24.43 -19.99 4.02
N LEU C 226 23.48 -20.78 4.53
CA LEU C 226 22.86 -20.46 5.81
C LEU C 226 23.85 -20.54 6.98
N GLY C 227 24.83 -21.45 6.91
CA GLY C 227 25.81 -21.56 7.97
C GLY C 227 26.73 -20.34 8.09
N LEU C 228 26.74 -19.47 7.07
CA LEU C 228 27.58 -18.29 7.10
C LEU C 228 27.13 -17.27 8.15
N ARG C 229 25.84 -17.27 8.51
CA ARG C 229 25.37 -16.34 9.53
C ARG C 229 26.18 -16.47 10.82
N GLN C 230 26.30 -17.68 11.35
CA GLN C 230 27.05 -17.87 12.57
C GLN C 230 28.54 -17.73 12.32
N ALA C 231 29.02 -18.23 11.18
CA ALA C 231 30.46 -18.26 10.94
C ALA C 231 31.02 -16.85 10.84
N ILE C 232 30.37 -15.99 10.06
CA ILE C 232 30.83 -14.61 9.90
C ILE C 232 30.69 -13.83 11.20
N THR C 233 29.56 -14.00 11.89
CA THR C 233 29.36 -13.34 13.17
C THR C 233 30.45 -13.73 14.16
N LYS C 234 30.85 -15.01 14.13
CA LYS C 234 31.90 -15.45 15.04
C LYS C 234 33.26 -14.89 14.64
N GLU C 235 33.50 -14.73 13.34
CA GLU C 235 34.77 -14.13 12.90
C GLU C 235 34.92 -12.70 13.40
N VAL C 236 33.83 -11.92 13.35
CA VAL C 236 33.87 -10.55 13.86
C VAL C 236 34.08 -10.55 15.37
N LEU C 237 33.36 -11.41 16.10
CA LEU C 237 33.52 -11.49 17.54
C LEU C 237 34.95 -11.88 17.93
N LYS C 238 35.56 -12.79 17.18
CA LYS C 238 36.95 -13.16 17.47
C LYS C 238 37.89 -12.01 17.16
N GLN C 239 37.63 -11.27 16.08
CA GLN C 239 38.49 -10.16 15.71
C GLN C 239 38.48 -9.07 16.77
N GLU C 240 37.33 -8.86 17.42
CA GLU C 240 37.22 -7.90 18.49
C GLU C 240 37.55 -8.49 19.86
N LYS C 241 38.18 -9.66 19.90
CA LYS C 241 38.66 -10.27 21.15
C LYS C 241 37.52 -10.47 22.14
N ILE C 242 36.30 -10.65 21.60
CA ILE C 242 35.13 -10.86 22.45
C ILE C 242 34.99 -12.34 22.81
N ILE C 243 35.32 -13.22 21.87
CA ILE C 243 35.37 -14.66 22.14
C ILE C 243 36.71 -15.17 21.63
N PRO C 244 37.32 -16.17 22.28
CA PRO C 244 38.63 -16.68 21.84
C PRO C 244 38.56 -17.33 20.46
N MET D 3 -30.40 -4.39 -18.33
CA MET D 3 -29.33 -3.91 -19.21
C MET D 3 -28.10 -4.81 -19.14
N TRP D 4 -27.98 -5.60 -18.08
CA TRP D 4 -26.96 -6.64 -17.97
C TRP D 4 -27.65 -7.95 -17.64
N GLN D 5 -27.30 -9.02 -18.36
CA GLN D 5 -27.96 -10.31 -18.22
C GLN D 5 -26.92 -11.41 -18.07
N GLU D 6 -27.07 -12.23 -17.05
CA GLU D 6 -26.12 -13.32 -16.79
C GLU D 6 -26.59 -14.58 -17.50
N ASN D 7 -25.65 -15.21 -18.20
CA ASN D 7 -25.94 -16.30 -19.11
C ASN D 7 -24.84 -17.34 -18.95
N LYS D 8 -25.01 -18.22 -17.96
CA LYS D 8 -24.02 -19.26 -17.65
C LYS D 8 -24.09 -20.44 -18.62
N SER D 9 -24.86 -20.35 -19.69
CA SER D 9 -24.66 -21.29 -20.80
C SER D 9 -23.18 -21.35 -21.20
N TRP D 10 -22.49 -20.20 -21.20
CA TRP D 10 -21.16 -20.13 -21.79
C TRP D 10 -20.09 -20.78 -20.94
N ASN D 11 -20.37 -21.05 -19.66
CA ASN D 11 -19.42 -21.77 -18.82
C ASN D 11 -19.02 -23.11 -19.43
N ALA D 12 -19.92 -23.73 -20.19
CA ALA D 12 -19.61 -24.99 -20.87
C ALA D 12 -18.39 -24.88 -21.77
N HIS D 13 -18.11 -23.68 -22.30
CA HIS D 13 -16.93 -23.46 -23.14
C HIS D 13 -15.65 -23.35 -22.33
N PHE D 14 -15.76 -22.93 -21.06
CA PHE D 14 -14.60 -22.93 -20.18
C PHE D 14 -14.33 -24.31 -19.60
N THR D 15 -15.40 -25.04 -19.24
CA THR D 15 -15.26 -26.37 -18.64
C THR D 15 -14.49 -27.32 -19.54
N GLU D 16 -14.78 -27.30 -20.85
CA GLU D 16 -14.21 -28.26 -21.76
C GLU D 16 -12.68 -28.17 -21.76
N HIS D 17 -12.13 -26.97 -21.89
CA HIS D 17 -10.69 -26.78 -21.84
C HIS D 17 -10.18 -26.61 -20.41
N LYS D 18 -10.92 -27.14 -19.44
CA LYS D 18 -10.54 -27.23 -18.03
C LYS D 18 -9.96 -25.92 -17.53
N SER D 19 -10.60 -24.82 -17.92
CA SER D 19 -10.18 -23.47 -17.59
C SER D 19 -11.38 -22.70 -17.05
N GLN D 20 -11.12 -21.51 -16.52
CA GLN D 20 -12.19 -20.67 -16.01
C GLN D 20 -11.87 -19.22 -16.33
N GLY D 21 -12.92 -18.42 -16.47
CA GLY D 21 -12.76 -17.02 -16.81
C GLY D 21 -14.09 -16.35 -17.06
N VAL D 22 -14.04 -15.24 -17.78
CA VAL D 22 -15.24 -14.44 -18.04
C VAL D 22 -15.21 -13.97 -19.49
N VAL D 23 -16.36 -14.02 -20.13
CA VAL D 23 -16.58 -13.36 -21.42
C VAL D 23 -17.72 -12.37 -21.21
N VAL D 24 -17.51 -11.13 -21.66
CA VAL D 24 -18.52 -10.09 -21.55
C VAL D 24 -18.77 -9.54 -22.94
N LEU D 25 -20.03 -9.60 -23.39
CA LEU D 25 -20.45 -9.00 -24.64
C LEU D 25 -21.34 -7.80 -24.38
N TRP D 26 -21.35 -6.86 -25.32
CA TRP D 26 -22.20 -5.68 -25.25
C TRP D 26 -22.80 -5.41 -26.62
N ASN D 27 -24.10 -5.68 -26.78
CA ASN D 27 -24.84 -5.31 -27.99
C ASN D 27 -24.99 -3.79 -28.06
N GLU D 28 -24.27 -3.16 -28.98
CA GLU D 28 -24.27 -1.69 -29.05
C GLU D 28 -25.60 -1.14 -29.52
N ASN D 29 -26.23 -1.77 -30.51
CA ASN D 29 -27.51 -1.27 -31.00
C ASN D 29 -28.55 -1.27 -29.90
N LYS D 30 -28.72 -2.41 -29.23
CA LYS D 30 -29.77 -2.55 -28.23
C LYS D 30 -29.35 -2.05 -26.85
N GLN D 31 -28.06 -1.75 -26.67
CA GLN D 31 -27.52 -1.27 -25.39
C GLN D 31 -27.82 -2.26 -24.26
N GLN D 32 -27.32 -3.48 -24.42
CA GLN D 32 -27.58 -4.56 -23.48
C GLN D 32 -26.34 -5.45 -23.37
N GLY D 33 -26.01 -5.84 -22.14
CA GLY D 33 -24.79 -6.57 -21.85
C GLY D 33 -25.06 -8.01 -21.45
N PHE D 34 -24.11 -8.89 -21.77
CA PHE D 34 -24.24 -10.33 -21.55
C PHE D 34 -22.90 -10.87 -21.04
N THR D 35 -22.97 -11.79 -20.09
CA THR D 35 -21.77 -12.40 -19.55
C THR D 35 -22.13 -13.69 -18.83
N ASN D 36 -21.17 -14.61 -18.80
CA ASN D 36 -21.33 -15.87 -18.09
C ASN D 36 -21.13 -15.75 -16.59
N ASN D 37 -20.75 -14.58 -16.08
CA ASN D 37 -20.31 -14.44 -14.70
C ASN D 37 -20.16 -12.96 -14.39
N LEU D 38 -21.22 -12.32 -13.87
CA LEU D 38 -21.17 -10.88 -13.69
C LEU D 38 -20.26 -10.46 -12.54
N LYS D 39 -19.97 -11.35 -11.60
CA LYS D 39 -19.05 -10.99 -10.53
C LYS D 39 -17.62 -10.86 -11.07
N ARG D 40 -17.13 -11.88 -11.79
CA ARG D 40 -15.81 -11.76 -12.41
C ARG D 40 -15.80 -10.69 -13.50
N ALA D 41 -16.95 -10.45 -14.15
CA ALA D 41 -17.04 -9.38 -15.14
C ALA D 41 -16.63 -8.03 -14.56
N ASN D 42 -16.88 -7.80 -13.27
CA ASN D 42 -16.55 -6.54 -12.62
C ASN D 42 -15.28 -6.63 -11.79
N GLN D 43 -14.53 -7.73 -11.89
CA GLN D 43 -13.28 -7.91 -11.16
C GLN D 43 -12.12 -7.30 -11.93
N ALA D 44 -11.31 -6.50 -11.23
CA ALA D 44 -10.24 -5.71 -11.86
C ALA D 44 -8.91 -6.44 -11.75
N PHE D 45 -8.28 -6.72 -12.89
CA PHE D 45 -6.93 -7.26 -12.94
C PHE D 45 -5.98 -6.28 -13.59
N LEU D 46 -4.70 -6.63 -13.55
CA LEU D 46 -3.71 -5.94 -14.37
C LEU D 46 -4.13 -6.01 -15.83
N PRO D 47 -4.06 -4.90 -16.57
CA PRO D 47 -4.40 -4.96 -18.01
C PRO D 47 -3.40 -5.75 -18.83
N ALA D 48 -2.15 -5.87 -18.37
CA ALA D 48 -1.06 -6.44 -19.17
C ALA D 48 -1.00 -5.77 -20.55
N SER D 49 -0.70 -6.55 -21.60
CA SER D 49 -0.50 -5.91 -22.90
C SER D 49 -1.78 -5.31 -23.52
N THR D 50 -2.95 -5.45 -22.89
CA THR D 50 -4.11 -4.68 -23.35
C THR D 50 -3.94 -3.19 -23.06
N PHE D 51 -3.00 -2.84 -22.19
CA PHE D 51 -2.70 -1.45 -21.94
C PHE D 51 -2.05 -0.80 -23.18
N KCX D 52 -1.72 -1.60 -24.19
CA KCX D 52 -1.06 -1.01 -25.36
CB KCX D 52 -0.46 -2.10 -26.27
CG KCX D 52 0.89 -2.62 -25.74
CD KCX D 52 1.49 -3.76 -26.57
CE KCX D 52 2.87 -4.18 -26.00
NZ KCX D 52 2.68 -4.88 -24.70
C KCX D 52 -2.06 -0.15 -26.11
O KCX D 52 -1.66 0.73 -26.89
CX KCX D 52 2.92 -4.29 -23.52
OQ1 KCX D 52 3.32 -3.12 -23.49
OQ2 KCX D 52 2.72 -4.93 -22.47
N ILE D 53 -3.35 -0.36 -25.85
CA ILE D 53 -4.37 0.48 -26.47
C ILE D 53 -4.30 1.92 -25.90
N PRO D 54 -4.52 2.14 -24.59
CA PRO D 54 -4.37 3.51 -24.08
C PRO D 54 -2.96 4.07 -24.25
N ASN D 55 -1.94 3.21 -24.12
CA ASN D 55 -0.57 3.66 -24.32
C ASN D 55 -0.37 4.24 -25.72
N SER D 56 -0.90 3.56 -26.74
CA SER D 56 -0.78 4.06 -28.10
C SER D 56 -1.44 5.42 -28.25
N LEU D 57 -2.64 5.57 -27.70
CA LEU D 57 -3.35 6.85 -27.80
C LEU D 57 -2.51 7.97 -27.22
N ILE D 58 -2.02 7.79 -25.99
CA ILE D 58 -1.24 8.83 -25.34
C ILE D 58 0.02 9.15 -26.14
N ALA D 59 0.76 8.11 -26.57
CA ALA D 59 1.99 8.33 -27.31
C ALA D 59 1.76 9.07 -28.62
N LEU D 60 0.64 8.79 -29.29
CA LEU D 60 0.33 9.47 -30.54
C LEU D 60 -0.14 10.90 -30.30
N ASP D 61 -1.01 11.10 -29.30
CA ASP D 61 -1.50 12.43 -29.04
C ASP D 61 -0.41 13.37 -28.54
N LEU D 62 0.68 12.83 -28.01
CA LEU D 62 1.77 13.65 -27.48
C LEU D 62 2.91 13.83 -28.47
N GLY D 63 2.89 13.14 -29.61
CA GLY D 63 3.97 13.24 -30.55
C GLY D 63 5.15 12.33 -30.27
N VAL D 64 5.08 11.50 -29.24
CA VAL D 64 6.11 10.48 -29.02
C VAL D 64 6.16 9.54 -30.21
N VAL D 65 5.00 9.22 -30.77
CA VAL D 65 4.88 8.43 -31.99
C VAL D 65 4.27 9.33 -33.04
N LYS D 66 4.97 9.50 -34.17
CA LYS D 66 4.54 10.44 -35.18
C LYS D 66 3.37 9.91 -36.00
N ASP D 67 3.40 8.63 -36.36
CA ASP D 67 2.30 7.97 -37.07
C ASP D 67 2.55 6.47 -37.03
N GLU D 68 1.66 5.71 -37.67
CA GLU D 68 1.73 4.26 -37.61
C GLU D 68 2.85 3.69 -38.48
N HIS D 69 3.56 4.52 -39.23
CA HIS D 69 4.64 4.09 -40.09
C HIS D 69 6.03 4.29 -39.49
N GLN D 70 6.16 5.11 -38.46
CA GLN D 70 7.46 5.36 -37.84
C GLN D 70 8.09 4.04 -37.41
N VAL D 71 9.33 3.82 -37.83
CA VAL D 71 10.05 2.60 -37.49
C VAL D 71 10.77 2.78 -36.17
N PHE D 72 10.68 1.78 -35.32
CA PHE D 72 11.40 1.75 -34.05
C PHE D 72 12.43 0.63 -34.11
N LYS D 73 13.69 1.01 -34.22
CA LYS D 73 14.76 0.04 -34.40
C LYS D 73 14.92 -0.85 -33.17
N TRP D 74 15.28 -2.10 -33.44
CA TRP D 74 15.59 -3.04 -32.36
C TRP D 74 16.85 -2.60 -31.63
N ASP D 75 16.84 -2.70 -30.30
CA ASP D 75 17.96 -2.21 -29.50
C ASP D 75 19.11 -3.20 -29.40
N GLY D 76 19.05 -4.34 -30.08
CA GLY D 76 20.15 -5.27 -30.15
C GLY D 76 20.17 -6.37 -29.10
N GLN D 77 19.46 -6.20 -27.98
CA GLN D 77 19.39 -7.23 -26.96
C GLN D 77 18.36 -8.28 -27.38
N THR D 78 18.83 -9.45 -27.79
CA THR D 78 17.92 -10.50 -28.24
C THR D 78 17.16 -11.07 -27.05
N ARG D 79 15.82 -11.06 -27.12
CA ARG D 79 14.97 -11.54 -26.04
C ARG D 79 14.28 -12.84 -26.45
N ASP D 80 13.58 -13.44 -25.48
CA ASP D 80 13.12 -14.82 -25.60
C ASP D 80 11.92 -15.00 -26.54
N ILE D 81 11.38 -13.94 -27.13
CA ILE D 81 10.31 -14.04 -28.12
C ILE D 81 10.87 -13.55 -29.45
N ALA D 82 10.85 -14.43 -30.46
CA ALA D 82 11.58 -14.15 -31.70
C ALA D 82 11.07 -12.88 -32.38
N THR D 83 9.74 -12.67 -32.37
CA THR D 83 9.17 -11.51 -33.04
C THR D 83 9.62 -10.19 -32.41
N TRP D 84 10.14 -10.22 -31.18
CA TRP D 84 10.60 -8.99 -30.53
C TRP D 84 11.96 -8.53 -31.04
N ASN D 85 12.77 -9.43 -31.58
CA ASN D 85 14.15 -9.11 -31.95
C ASN D 85 14.28 -8.61 -33.38
N ARG D 86 13.39 -7.70 -33.78
CA ARG D 86 13.48 -7.09 -35.09
C ARG D 86 12.90 -5.68 -34.99
N ASP D 87 12.95 -4.94 -36.10
CA ASP D 87 12.40 -3.60 -36.13
C ASP D 87 10.88 -3.64 -36.21
N HIS D 88 10.23 -2.59 -35.69
CA HIS D 88 8.78 -2.57 -35.56
C HIS D 88 8.24 -1.17 -35.81
N ASN D 89 7.02 -1.12 -36.31
CA ASN D 89 6.21 0.08 -36.31
C ASN D 89 5.08 -0.11 -35.31
N LEU D 90 4.19 0.88 -35.24
CA LEU D 90 3.10 0.82 -34.27
C LEU D 90 2.23 -0.41 -34.49
N ILE D 91 1.95 -0.75 -35.74
CA ILE D 91 1.03 -1.84 -36.04
C ILE D 91 1.64 -3.19 -35.69
N THR D 92 2.91 -3.40 -36.08
CA THR D 92 3.55 -4.68 -35.74
C THR D 92 3.90 -4.78 -34.26
N ALA D 93 4.28 -3.65 -33.63
CA ALA D 93 4.55 -3.69 -32.19
C ALA D 93 3.30 -4.07 -31.40
N MET D 94 2.12 -3.76 -31.93
CA MET D 94 0.90 -4.15 -31.24
C MET D 94 0.58 -5.62 -31.50
N LYS D 95 0.64 -6.04 -32.76
CA LYS D 95 0.31 -7.42 -33.14
C LYS D 95 1.13 -8.43 -32.34
N TYR D 96 2.41 -8.14 -32.11
CA TYR D 96 3.31 -9.06 -31.44
C TYR D 96 3.53 -8.69 -29.97
N SER D 97 2.80 -7.71 -29.46
CA SER D 97 2.92 -7.28 -28.06
C SER D 97 4.38 -7.01 -27.69
N VAL D 98 5.08 -6.29 -28.56
CA VAL D 98 6.48 -5.98 -28.34
C VAL D 98 6.63 -5.08 -27.11
N VAL D 99 6.87 -5.69 -25.95
CA VAL D 99 6.90 -4.94 -24.69
C VAL D 99 7.95 -3.83 -24.67
N PRO D 100 9.22 -4.07 -25.07
CA PRO D 100 10.22 -3.00 -24.93
C PRO D 100 9.97 -1.80 -25.82
N VAL D 101 9.31 -1.95 -26.96
CA VAL D 101 8.91 -0.78 -27.74
C VAL D 101 8.00 0.12 -26.91
N TYR D 102 6.94 -0.46 -26.34
CA TYR D 102 6.00 0.31 -25.54
C TYR D 102 6.61 0.79 -24.22
N GLN D 103 7.60 0.09 -23.67
CA GLN D 103 8.30 0.61 -22.50
C GLN D 103 9.03 1.91 -22.81
N GLU D 104 9.49 2.08 -24.06
CA GLU D 104 10.12 3.33 -24.44
C GLU D 104 9.09 4.45 -24.60
N PHE D 105 7.95 4.15 -25.24
CA PHE D 105 6.86 5.12 -25.28
C PHE D 105 6.55 5.62 -23.86
N ALA D 106 6.35 4.69 -22.92
CA ALA D 106 5.99 5.06 -21.57
C ALA D 106 7.05 5.96 -20.95
N ARG D 107 8.32 5.60 -21.08
CA ARG D 107 9.39 6.43 -20.51
C ARG D 107 9.33 7.86 -21.06
N GLN D 108 9.02 8.01 -22.34
CA GLN D 108 8.97 9.35 -22.90
C GLN D 108 7.67 10.07 -22.60
N ILE D 109 6.59 9.34 -22.32
CA ILE D 109 5.36 9.97 -21.88
C ILE D 109 5.56 10.58 -20.48
N GLY D 110 6.26 9.88 -19.60
CA GLY D 110 6.46 10.34 -18.24
C GLY D 110 5.26 10.05 -17.34
N GLU D 111 5.55 10.05 -16.03
CA GLU D 111 4.52 9.67 -15.06
C GLU D 111 3.46 10.76 -14.92
N ALA D 112 3.87 12.03 -14.87
CA ALA D 112 2.91 13.11 -14.73
C ALA D 112 1.87 13.09 -15.85
N ARG D 113 2.32 13.03 -17.11
CA ARG D 113 1.35 13.03 -18.20
C ARG D 113 0.62 11.70 -18.34
N MET D 114 1.26 10.59 -17.97
CA MET D 114 0.56 9.30 -18.00
C MET D 114 -0.62 9.32 -17.06
N SER D 115 -0.43 9.91 -15.88
CA SER D 115 -1.46 9.93 -14.85
C SER D 115 -2.66 10.75 -15.25
N LYS D 116 -2.44 11.96 -15.80
CA LYS D 116 -3.55 12.81 -16.18
C LYS D 116 -4.35 12.18 -17.31
N MET D 117 -3.68 11.42 -18.19
CA MET D 117 -4.37 10.82 -19.33
C MET D 117 -5.25 9.65 -18.88
N LEU D 118 -4.79 8.86 -17.91
CA LEU D 118 -5.61 7.76 -17.44
C LEU D 118 -6.83 8.27 -16.66
N HIS D 119 -6.65 9.35 -15.89
CA HIS D 119 -7.80 9.99 -15.27
C HIS D 119 -8.75 10.56 -16.32
N ALA D 120 -8.19 11.09 -17.41
CA ALA D 120 -9.02 11.59 -18.49
C ALA D 120 -9.77 10.45 -19.19
N PHE D 121 -9.10 9.31 -19.40
CA PHE D 121 -9.71 8.16 -20.06
C PHE D 121 -10.66 7.40 -19.16
N ASP D 122 -10.71 7.70 -17.87
CA ASP D 122 -11.55 6.93 -16.94
C ASP D 122 -11.08 5.48 -16.83
N TYR D 123 -9.78 5.25 -16.98
CA TYR D 123 -9.23 3.91 -17.22
C TYR D 123 -9.04 3.17 -15.91
N GLY D 124 -9.92 2.21 -15.63
CA GLY D 124 -9.77 1.36 -14.45
C GLY D 124 -9.67 2.16 -13.17
N ASN D 125 -8.74 1.75 -12.30
CA ASN D 125 -8.50 2.50 -11.07
C ASN D 125 -7.55 3.68 -11.26
N GLU D 126 -7.13 3.94 -12.50
CA GLU D 126 -6.34 5.12 -12.87
C GLU D 126 -5.08 5.28 -12.02
N ASP D 127 -4.44 4.18 -11.62
CA ASP D 127 -3.30 4.23 -10.71
C ASP D 127 -2.07 3.70 -11.41
N ILE D 128 -1.00 4.51 -11.47
CA ILE D 128 0.23 4.10 -12.14
C ILE D 128 1.36 3.85 -11.13
N SER D 129 1.00 3.34 -9.94
CA SER D 129 2.02 3.00 -8.96
C SER D 129 2.99 2.00 -9.54
N GLY D 130 4.27 2.17 -9.25
CA GLY D 130 5.32 1.38 -9.83
C GLY D 130 6.05 2.16 -10.90
N ASN D 131 6.86 1.42 -11.65
CA ASN D 131 7.62 2.03 -12.74
C ASN D 131 6.67 2.50 -13.85
N VAL D 132 6.98 3.66 -14.43
CA VAL D 132 6.17 4.17 -15.52
C VAL D 132 6.26 3.28 -16.74
N ASP D 133 7.33 2.49 -16.85
CA ASP D 133 7.52 1.61 -18.00
C ASP D 133 7.21 0.15 -17.68
N SER D 134 6.47 -0.14 -16.60
CA SER D 134 6.05 -1.52 -16.37
C SER D 134 4.82 -1.64 -15.49
N PHE D 135 4.15 -0.52 -15.17
CA PHE D 135 3.07 -0.58 -14.19
C PHE D 135 1.91 -1.44 -14.69
N TRP D 136 1.73 -1.56 -16.01
CA TRP D 136 0.67 -2.43 -16.52
C TRP D 136 1.04 -3.90 -16.44
N LEU D 137 2.31 -4.23 -16.19
CA LEU D 137 2.74 -5.60 -15.98
C LEU D 137 2.90 -5.97 -14.52
N ASP D 138 3.40 -5.04 -13.67
CA ASP D 138 3.69 -5.38 -12.27
C ASP D 138 3.47 -4.20 -11.33
N GLY D 139 2.65 -3.23 -11.72
CA GLY D 139 2.38 -2.07 -10.89
C GLY D 139 0.98 -2.02 -10.31
N GLY D 140 0.48 -0.81 -10.04
CA GLY D 140 -0.79 -0.65 -9.35
C GLY D 140 -2.04 -0.60 -10.21
N ILE D 141 -1.93 -0.53 -11.54
CA ILE D 141 -3.10 -0.34 -12.38
C ILE D 141 -3.99 -1.59 -12.36
N ARG D 142 -5.31 -1.36 -12.35
CA ARG D 142 -6.30 -2.41 -12.29
C ARG D 142 -7.49 -2.02 -13.14
N ILE D 143 -8.04 -2.99 -13.88
CA ILE D 143 -9.20 -2.72 -14.72
C ILE D 143 -10.04 -3.98 -14.82
N SER D 144 -11.35 -3.81 -14.76
CA SER D 144 -12.29 -4.90 -14.91
C SER D 144 -12.68 -5.06 -16.38
N ALA D 145 -13.28 -6.21 -16.71
CA ALA D 145 -13.71 -6.45 -18.08
C ALA D 145 -14.82 -5.47 -18.48
N THR D 146 -15.75 -5.15 -17.57
CA THR D 146 -16.78 -4.16 -17.88
C THR D 146 -16.16 -2.79 -18.11
N GLU D 147 -15.18 -2.42 -17.28
CA GLU D 147 -14.45 -1.18 -17.49
C GLU D 147 -13.71 -1.17 -18.82
N GLN D 148 -13.17 -2.32 -19.24
CA GLN D 148 -12.60 -2.41 -20.60
C GLN D 148 -13.65 -2.09 -21.66
N ILE D 149 -14.87 -2.64 -21.51
CA ILE D 149 -15.94 -2.35 -22.46
C ILE D 149 -16.22 -0.85 -22.49
N SER D 150 -16.33 -0.24 -21.31
CA SER D 150 -16.62 1.19 -21.27
C SER D 150 -15.52 1.99 -21.94
N PHE D 151 -14.27 1.60 -21.73
CA PHE D 151 -13.17 2.26 -22.42
C PHE D 151 -13.29 2.08 -23.94
N LEU D 152 -13.49 0.83 -24.38
CA LEU D 152 -13.56 0.54 -25.81
C LEU D 152 -14.73 1.26 -26.50
N ARG D 153 -15.86 1.42 -25.82
CA ARG D 153 -16.97 2.13 -26.46
C ARG D 153 -16.61 3.59 -26.73
N LYS D 154 -15.95 4.24 -25.77
CA LYS D 154 -15.54 5.62 -25.99
C LYS D 154 -14.54 5.73 -27.14
N LEU D 155 -13.60 4.78 -27.21
CA LEU D 155 -12.67 4.74 -28.33
C LEU D 155 -13.41 4.55 -29.65
N TYR D 156 -14.34 3.60 -29.70
CA TYR D 156 -15.08 3.34 -30.93
C TYR D 156 -15.83 4.58 -31.41
N HIS D 157 -16.38 5.36 -30.48
CA HIS D 157 -17.17 6.54 -30.80
C HIS D 157 -16.34 7.83 -30.87
N ASN D 158 -15.01 7.72 -30.85
CA ASN D 158 -14.13 8.89 -30.92
C ASN D 158 -14.40 9.88 -29.79
N LYS D 159 -14.71 9.36 -28.60
CA LYS D 159 -15.11 10.21 -27.48
C LYS D 159 -14.07 10.27 -26.36
N LEU D 160 -12.98 9.53 -26.46
CA LEU D 160 -11.92 9.68 -25.47
C LEU D 160 -11.29 11.05 -25.60
N HIS D 161 -10.64 11.50 -24.52
CA HIS D 161 -10.05 12.83 -24.50
C HIS D 161 -8.68 12.83 -25.20
N VAL D 162 -8.72 12.51 -26.51
CA VAL D 162 -7.59 12.66 -27.43
C VAL D 162 -8.13 13.11 -28.78
N SER D 163 -7.22 13.37 -29.71
CA SER D 163 -7.66 13.79 -31.03
C SER D 163 -8.35 12.65 -31.74
N GLU D 164 -9.24 13.00 -32.66
CA GLU D 164 -9.86 11.97 -33.49
C GLU D 164 -8.78 11.17 -34.23
N ARG D 165 -7.72 11.85 -34.68
CA ARG D 165 -6.66 11.17 -35.41
C ARG D 165 -5.99 10.07 -34.56
N SER D 166 -5.66 10.38 -33.30
CA SER D 166 -5.10 9.34 -32.44
C SER D 166 -6.03 8.15 -32.34
N GLN D 167 -7.32 8.39 -32.16
CA GLN D 167 -8.26 7.28 -31.99
C GLN D 167 -8.41 6.46 -33.27
N ARG D 168 -8.36 7.10 -34.44
CA ARG D 168 -8.47 6.36 -35.69
C ARG D 168 -7.22 5.50 -35.95
N ILE D 169 -6.04 6.03 -35.62
CA ILE D 169 -4.81 5.26 -35.83
C ILE D 169 -4.82 4.00 -34.97
N VAL D 170 -5.20 4.12 -33.69
CA VAL D 170 -5.16 2.97 -32.80
C VAL D 170 -6.20 1.93 -33.19
N LYS D 171 -7.40 2.38 -33.58
CA LYS D 171 -8.39 1.44 -34.10
C LYS D 171 -7.91 0.77 -35.38
N GLN D 172 -7.12 1.47 -36.19
CA GLN D 172 -6.47 0.81 -37.33
C GLN D 172 -5.44 -0.22 -36.86
N ALA D 173 -4.63 0.13 -35.86
CA ALA D 173 -3.64 -0.81 -35.35
C ALA D 173 -4.26 -2.01 -34.65
N MET D 174 -5.49 -1.88 -34.14
CA MET D 174 -6.14 -2.97 -33.44
C MET D 174 -6.66 -4.05 -34.37
N LEU D 175 -6.54 -3.87 -35.68
CA LEU D 175 -7.11 -4.81 -36.62
C LEU D 175 -6.49 -6.19 -36.47
N THR D 176 -7.33 -7.19 -36.31
CA THR D 176 -6.90 -8.57 -36.08
C THR D 176 -7.39 -9.51 -37.17
N GLU D 177 -8.61 -9.32 -37.66
CA GLU D 177 -9.22 -10.27 -38.57
C GLU D 177 -10.36 -9.59 -39.30
N ALA D 178 -10.62 -10.04 -40.53
CA ALA D 178 -11.69 -9.46 -41.33
C ALA D 178 -11.96 -10.29 -42.59
N ASN D 179 -13.23 -10.60 -42.82
CA ASN D 179 -13.67 -11.29 -44.03
C ASN D 179 -15.03 -10.71 -44.43
N GLY D 180 -15.72 -11.40 -45.34
CA GLY D 180 -17.00 -10.90 -45.80
C GLY D 180 -18.07 -10.84 -44.74
N ASP D 181 -17.85 -11.48 -43.60
CA ASP D 181 -18.85 -11.56 -42.54
C ASP D 181 -18.62 -10.58 -41.40
N TYR D 182 -17.38 -10.24 -41.04
CA TYR D 182 -17.17 -9.39 -39.88
C TYR D 182 -15.77 -8.79 -39.91
N ILE D 183 -15.53 -7.88 -38.95
CA ILE D 183 -14.22 -7.32 -38.65
C ILE D 183 -14.00 -7.43 -37.14
N ILE D 184 -12.79 -7.82 -36.74
CA ILE D 184 -12.43 -7.87 -35.33
C ILE D 184 -11.25 -6.94 -35.10
N ARG D 185 -11.45 -5.97 -34.23
CA ARG D 185 -10.38 -5.15 -33.68
C ARG D 185 -10.25 -5.53 -32.21
N ALA D 186 -9.05 -5.91 -31.80
CA ALA D 186 -8.88 -6.42 -30.45
C ALA D 186 -7.42 -6.28 -30.04
N LYS D 187 -7.13 -6.62 -28.79
CA LYS D 187 -5.78 -6.65 -28.27
C LYS D 187 -5.65 -7.79 -27.28
N THR D 188 -4.60 -8.62 -27.45
CA THR D 188 -4.33 -9.73 -26.54
C THR D 188 -3.53 -9.25 -25.34
N GLY D 189 -3.67 -9.96 -24.22
CA GLY D 189 -2.87 -9.67 -23.04
C GLY D 189 -2.52 -10.89 -22.22
N TYR D 190 -1.30 -10.97 -21.70
CA TYR D 190 -0.86 -12.10 -20.87
C TYR D 190 -0.16 -11.54 -19.64
N SER D 191 -0.88 -11.52 -18.51
CA SER D 191 -0.36 -11.06 -17.23
C SER D 191 0.57 -12.11 -16.65
N THR D 192 1.88 -11.83 -16.63
CA THR D 192 2.88 -12.85 -16.36
C THR D 192 3.73 -12.59 -15.13
N ARG D 193 3.69 -11.39 -14.55
CA ARG D 193 4.63 -11.04 -13.49
C ARG D 193 4.03 -11.08 -12.10
N ILE D 194 2.72 -10.92 -11.95
CA ILE D 194 2.06 -10.97 -10.65
C ILE D 194 0.88 -11.94 -10.74
N GLU D 195 0.75 -12.79 -9.73
CA GLU D 195 -0.36 -13.73 -9.68
C GLU D 195 -1.66 -13.01 -9.31
N PRO D 196 -2.81 -13.47 -9.82
CA PRO D 196 -2.97 -14.66 -10.67
C PRO D 196 -2.64 -14.41 -12.13
N LYS D 197 -1.87 -15.31 -12.74
CA LYS D 197 -1.58 -15.19 -14.17
C LYS D 197 -2.86 -15.34 -14.97
N ILE D 198 -3.20 -14.32 -15.76
CA ILE D 198 -4.43 -14.36 -16.55
C ILE D 198 -4.13 -13.91 -17.97
N GLY D 199 -4.95 -14.38 -18.90
CA GLY D 199 -4.90 -13.95 -20.30
C GLY D 199 -6.09 -13.06 -20.58
N TRP D 200 -5.88 -12.04 -21.39
CA TRP D 200 -6.92 -11.10 -21.79
C TRP D 200 -7.20 -11.21 -23.28
N TRP D 201 -8.43 -10.83 -23.66
CA TRP D 201 -8.73 -10.48 -25.05
C TRP D 201 -9.92 -9.53 -25.06
N VAL D 202 -9.68 -8.28 -25.47
CA VAL D 202 -10.69 -7.23 -25.45
C VAL D 202 -10.72 -6.56 -26.82
N GLY D 203 -11.90 -6.13 -27.22
CA GLY D 203 -12.06 -5.56 -28.56
C GLY D 203 -13.53 -5.50 -28.92
N TRP D 204 -13.79 -5.56 -30.24
CA TRP D 204 -15.17 -5.58 -30.69
C TRP D 204 -15.25 -6.23 -32.06
N VAL D 205 -16.47 -6.65 -32.40
CA VAL D 205 -16.78 -7.30 -33.67
C VAL D 205 -17.69 -6.35 -34.46
N GLU D 206 -17.21 -5.88 -35.62
CA GLU D 206 -18.02 -5.02 -36.47
C GLU D 206 -18.79 -5.87 -37.48
N LEU D 207 -20.12 -5.80 -37.43
CA LEU D 207 -20.99 -6.41 -38.42
C LEU D 207 -21.57 -5.33 -39.34
N ASP D 208 -22.33 -5.78 -40.35
CA ASP D 208 -22.93 -4.85 -41.30
C ASP D 208 -23.79 -3.81 -40.59
N ASP D 209 -24.63 -4.24 -39.64
CA ASP D 209 -25.64 -3.39 -39.03
C ASP D 209 -25.55 -3.40 -37.50
N ASN D 210 -24.36 -3.64 -36.96
CA ASN D 210 -24.20 -3.70 -35.51
C ASN D 210 -22.71 -3.69 -35.21
N VAL D 211 -22.39 -3.52 -33.94
CA VAL D 211 -21.05 -3.81 -33.43
C VAL D 211 -21.21 -4.45 -32.05
N TRP D 212 -20.45 -5.52 -31.80
CA TRP D 212 -20.52 -6.24 -30.52
C TRP D 212 -19.19 -6.07 -29.80
N PHE D 213 -19.19 -5.30 -28.72
CA PHE D 213 -18.00 -5.18 -27.90
C PHE D 213 -17.81 -6.45 -27.05
N PHE D 214 -16.56 -6.85 -26.88
CA PHE D 214 -16.25 -7.98 -26.00
C PHE D 214 -15.04 -7.67 -25.14
N ALA D 215 -15.02 -8.26 -23.95
CA ALA D 215 -13.84 -8.24 -23.09
C ALA D 215 -13.83 -9.56 -22.35
N MET D 216 -12.75 -10.34 -22.49
CA MET D 216 -12.64 -11.60 -21.79
C MET D 216 -11.31 -11.66 -21.06
N ASN D 217 -11.32 -12.34 -19.92
CA ASN D 217 -10.08 -12.79 -19.28
C ASN D 217 -10.28 -14.21 -18.78
N MET D 218 -9.18 -14.89 -18.54
CA MET D 218 -9.25 -16.26 -18.07
C MET D 218 -7.96 -16.60 -17.35
N ASP D 219 -8.03 -17.56 -16.44
CA ASP D 219 -6.81 -18.02 -15.78
C ASP D 219 -5.88 -18.65 -16.80
N MET D 220 -4.60 -18.29 -16.71
CA MET D 220 -3.58 -18.73 -17.67
C MET D 220 -2.34 -19.20 -16.93
N PRO D 221 -2.42 -20.34 -16.22
CA PRO D 221 -1.24 -20.82 -15.47
C PRO D 221 -0.09 -21.28 -16.36
N THR D 222 -0.27 -21.37 -17.68
CA THR D 222 0.76 -21.85 -18.59
C THR D 222 0.60 -21.09 -19.90
N SER D 223 1.72 -20.83 -20.57
CA SER D 223 1.65 -20.17 -21.87
C SER D 223 1.04 -21.06 -22.93
N ASP D 224 0.99 -22.38 -22.70
CA ASP D 224 0.43 -23.34 -23.64
C ASP D 224 -1.08 -23.19 -23.81
N GLY D 225 -1.75 -22.43 -22.95
CA GLY D 225 -3.16 -22.17 -23.10
C GLY D 225 -3.53 -20.85 -23.75
N LEU D 226 -2.56 -20.11 -24.30
CA LEU D 226 -2.84 -18.74 -24.75
C LEU D 226 -3.84 -18.72 -25.90
N GLY D 227 -3.80 -19.74 -26.77
CA GLY D 227 -4.72 -19.80 -27.90
C GLY D 227 -6.17 -19.93 -27.51
N LEU D 228 -6.44 -20.34 -26.27
CA LEU D 228 -7.82 -20.46 -25.82
C LEU D 228 -8.53 -19.12 -25.76
N ARG D 229 -7.79 -18.02 -25.56
CA ARG D 229 -8.41 -16.71 -25.46
C ARG D 229 -9.29 -16.43 -26.67
N GLN D 230 -8.75 -16.62 -27.87
CA GLN D 230 -9.55 -16.39 -29.05
C GLN D 230 -10.55 -17.52 -29.28
N ALA D 231 -10.11 -18.76 -29.04
CA ALA D 231 -10.95 -19.91 -29.39
C ALA D 231 -12.25 -19.90 -28.60
N ILE D 232 -12.15 -19.67 -27.28
CA ILE D 232 -13.34 -19.69 -26.43
C ILE D 232 -14.26 -18.51 -26.75
N THR D 233 -13.68 -17.33 -26.98
CA THR D 233 -14.50 -16.17 -27.32
C THR D 233 -15.22 -16.35 -28.64
N LYS D 234 -14.56 -16.98 -29.62
CA LYS D 234 -15.23 -17.25 -30.89
C LYS D 234 -16.38 -18.24 -30.71
N GLU D 235 -16.20 -19.23 -29.82
CA GLU D 235 -17.26 -20.19 -29.58
C GLU D 235 -18.50 -19.53 -28.98
N VAL D 236 -18.32 -18.57 -28.08
CA VAL D 236 -19.45 -17.82 -27.55
C VAL D 236 -20.10 -16.97 -28.64
N LEU D 237 -19.29 -16.30 -29.46
CA LEU D 237 -19.81 -15.52 -30.58
C LEU D 237 -20.57 -16.41 -31.55
N LYS D 238 -20.06 -17.60 -31.84
CA LYS D 238 -20.79 -18.53 -32.69
C LYS D 238 -22.11 -18.95 -32.06
N GLN D 239 -22.10 -19.16 -30.74
CA GLN D 239 -23.30 -19.64 -30.06
C GLN D 239 -24.40 -18.60 -30.10
N GLU D 240 -24.04 -17.32 -29.99
CA GLU D 240 -25.01 -16.24 -30.08
C GLU D 240 -25.13 -15.69 -31.50
N LYS D 241 -24.93 -16.54 -32.50
CA LYS D 241 -25.08 -16.27 -33.95
C LYS D 241 -24.46 -14.94 -34.37
N ILE D 242 -23.47 -14.45 -33.62
CA ILE D 242 -22.85 -13.18 -33.98
C ILE D 242 -21.92 -13.36 -35.18
N ILE D 243 -21.19 -14.46 -35.22
CA ILE D 243 -20.35 -14.79 -36.36
C ILE D 243 -20.68 -16.21 -36.80
N PRO D 244 -20.53 -16.55 -38.09
CA PRO D 244 -20.80 -17.92 -38.56
C PRO D 244 -19.87 -18.95 -37.92
C1 EDO E . 34.58 13.81 -7.22
O1 EDO E . 34.58 15.25 -7.21
C2 EDO E . 33.36 13.35 -8.01
O2 EDO E . 33.08 11.96 -7.75
C1 EDO F . 32.12 16.21 8.82
O1 EDO F . 30.73 16.52 8.68
C2 EDO F . 32.78 17.18 9.81
O2 EDO F . 32.59 18.54 9.38
C7 XV7 G . 3.35 17.85 -3.46
C6 XV7 G . 4.64 18.26 -2.78
C1 XV7 G . 2.88 21.05 -0.06
C11 XV7 G . 1.01 18.46 -3.52
C10 XV7 G . 0.78 17.49 -4.49
C9 XV7 G . 1.83 16.69 -4.93
C8 XV7 G . 3.12 16.88 -4.42
O3 XV7 G . 0.19 14.93 -5.86
C12 XV7 G . 2.30 18.65 -2.99
S1 XV7 G . 1.53 15.40 -6.10
O2 XV7 G . 4.23 21.96 2.40
O1 XV7 G . 5.74 22.82 0.73
C XV7 G . 4.25 20.82 0.07
O XV7 G . 6.20 20.69 1.77
C2 XV7 G . 2.16 20.39 -1.04
C3 XV7 G . 2.79 19.50 -1.91
C4 XV7 G . 4.17 19.28 -1.77
C5 XV7 G . 4.89 19.94 -0.79
O4 XV7 G . 1.69 16.01 -7.41
O5 XV7 G . 2.54 14.37 -5.84
S XV7 G . 5.18 21.64 1.35
NA NA H . 6.81 17.19 -0.82
CL CL I . 26.89 32.71 -10.61
CL CL J . 22.63 37.81 -5.06
C1 EDO K . -36.21 13.80 12.51
O1 EDO K . -35.46 13.42 11.33
C2 EDO K . -36.26 12.63 13.49
O2 EDO K . -36.80 13.04 14.76
C1 EDO L . -34.95 -9.86 -6.29
O1 EDO L . -33.75 -10.64 -6.17
C2 EDO L . -35.92 -10.22 -5.16
O2 EDO L . -37.27 -9.86 -5.51
C7 XV7 M . -13.26 1.51 12.86
C6 XV7 M . -14.59 1.19 12.23
C1 XV7 M . -16.23 5.12 12.68
C11 XV7 M . -12.12 3.28 14.03
C10 XV7 M . -10.99 2.47 14.17
C9 XV7 M . -11.00 1.18 13.64
C8 XV7 M . -12.13 0.70 12.98
O3 XV7 M . -9.59 -0.70 12.58
C12 XV7 M . -13.25 2.81 13.36
S1 XV7 M . -9.54 0.18 13.73
O2 XV7 M . -18.79 3.83 10.16
O1 XV7 M . -19.55 4.33 12.40
C XV7 M . -17.01 4.18 11.99
O XV7 M . -18.54 6.06 11.06
C2 XV7 M . -15.00 4.75 13.18
C3 XV7 M . -14.51 3.45 12.99
C4 XV7 M . -15.30 2.52 12.31
C5 XV7 M . -16.54 2.89 11.81
O4 XV7 M . -9.63 -0.54 14.99
O5 XV7 M . -8.42 1.10 13.67
S XV7 M . -18.60 4.64 11.35
NA NA N . -15.94 0.69 9.31
NA NA O . -40.84 -0.45 7.98
NA NA P . -22.68 -4.65 3.49
CL CL Q . -26.95 1.12 11.58
C1 EDO R . 20.58 0.96 20.47
O1 EDO R . 19.73 1.71 19.59
C2 EDO R . 21.03 1.84 21.63
O2 EDO R . 19.91 2.20 22.45
C7 XV7 S . 11.28 -21.19 6.79
C6 XV7 S . 11.82 -20.46 7.99
C1 XV7 S . 15.65 -22.38 8.01
C11 XV7 S . 11.92 -22.90 5.20
C10 XV7 S . 10.71 -22.76 4.55
C9 XV7 S . 9.78 -21.83 5.02
C8 XV7 S . 10.06 -21.06 6.14
O3 XV7 S . 7.30 -22.52 4.69
C12 XV7 S . 12.22 -22.11 6.31
S1 XV7 S . 8.27 -21.58 4.14
O2 XV7 S . 16.63 -21.80 11.20
O1 XV7 S . 17.97 -21.09 9.31
C XV7 S . 15.43 -21.38 8.94
O XV7 S . 16.49 -19.52 10.40
C2 XV7 S . 14.64 -22.70 7.11
C3 XV7 S . 13.41 -22.03 7.15
C4 XV7 S . 13.21 -21.03 8.11
C5 XV7 S . 14.22 -20.71 9.00
O4 XV7 S . 8.56 -21.83 2.75
O5 XV7 S . 7.88 -20.19 4.38
S XV7 S . 16.74 -20.91 10.05
CL CL T . 19.60 -20.44 30.48
C1 EDO U . -20.81 0.57 -19.87
O1 EDO U . -20.46 -0.81 -19.94
C2 EDO U . -22.12 0.76 -20.62
O2 EDO U . -22.48 2.14 -20.58
C1 EDO V . -17.75 -6.69 -43.16
O1 EDO V . -18.37 -5.61 -42.43
C2 EDO V . -16.40 -6.25 -43.74
O2 EDO V . -16.05 -6.99 -44.93
C7 XV7 W . 4.92 -10.54 -22.08
C6 XV7 W . 3.66 -9.88 -22.60
C1 XV7 W . 2.52 -13.08 -25.19
C11 XV7 W . 6.21 -12.55 -22.36
C10 XV7 W . 7.11 -12.11 -21.40
C9 XV7 W . 6.90 -10.88 -20.78
C8 XV7 W . 5.83 -10.09 -21.13
O3 XV7 W . 7.20 -9.52 -18.61
C12 XV7 W . 5.10 -11.78 -22.70
S1 XV7 W . 8.00 -10.36 -19.49
O2 XV7 W . -0.27 -13.40 -26.07
O1 XV7 W . 0.45 -11.44 -27.30
C XV7 W . 1.66 -12.00 -25.10
O XV7 W . -0.79 -11.19 -25.24
C2 XV7 W . 3.68 -13.10 -24.44
C3 XV7 W . 4.00 -12.02 -23.61
C4 XV7 W . 3.13 -10.93 -23.54
C5 XV7 W . 1.96 -10.92 -24.29
O4 XV7 W . 9.07 -9.63 -20.14
O5 XV7 W . 8.45 -11.57 -18.83
S XV7 W . 0.14 -12.01 -26.00
CL CL X . -8.80 -0.55 -40.65
#